data_6A9J
#
_entry.id   6A9J
#
_cell.length_a   86.657
_cell.length_b   62.861
_cell.length_c   86.662
_cell.angle_alpha   90.00
_cell.angle_beta   91.89
_cell.angle_gamma   90.00
#
_symmetry.space_group_name_H-M   'P 1 21 1'
#
loop_
_entity.id
_entity.type
_entity.pdbx_description
1 polymer 'Endolysin,Autophagy-related protein 2'
2 non-polymer 1,2-dioleoyl-sn-glycero-3-phosphoethanolamine
#
_entity_poly.entity_id   1
_entity_poly.type   'polypeptide(L)'
_entity_poly.pdbx_seq_one_letter_code
;MNIFEMLRIDEGLRLKIYKNTEGYYTIGIGHLLTKSPSLNAAKSELDKAIGRNTNGVITKDEAEKLFNQDVDAAVRGILR
NAKLKPVYDSLDAVRRAALINMVFQMGETGVAGFTNSLRMLQQKRWDEAAVNLAKSRWYNQTPNRAKRVITTFRTGTWDA
YAAARTVQRRLLAFALRKLIGSILLENVQPEDIDILFSKGVLMLSNLQLNCSFLNAVVSLPMINFTKGTLRRLILRLNVT
DIVNLNVELEVNGLSLEIELVPPDESLSSTTYEDAPSQLDILDNVVEYMNKTASQDFEDEVINEGLESEIDGSSHNLLDS
ILQKCLASTSVLMQDALVYIGTANMSTRLEAKLDFMSFSSVKSNSTSRLLNINGITVSMVRPISHHHHH
;
_entity_poly.pdbx_strand_id   A,B
#
# COMPACT_ATOMS: atom_id res chain seq x y z
N ASN A 2 -2.94 1.17 12.80
CA ASN A 2 -2.61 -0.12 13.39
C ASN A 2 -1.14 -0.21 13.84
N ILE A 3 -0.72 -1.41 14.22
CA ILE A 3 0.61 -1.64 14.77
C ILE A 3 1.75 -1.54 13.74
N PHE A 4 1.55 -2.10 12.56
CA PHE A 4 2.58 -2.06 11.52
C PHE A 4 2.97 -0.62 11.20
N GLU A 5 1.98 0.27 11.25
CA GLU A 5 2.19 1.68 11.00
C GLU A 5 3.12 2.26 12.07
N MET A 6 2.83 1.90 13.33
CA MET A 6 3.60 2.34 14.47
C MET A 6 5.06 1.91 14.39
N LEU A 7 5.25 0.62 14.14
CA LEU A 7 6.59 0.05 13.99
C LEU A 7 7.33 0.58 12.78
N ARG A 8 6.61 0.89 11.71
CA ARG A 8 7.22 1.51 10.54
C ARG A 8 7.75 2.89 10.92
N ILE A 9 6.97 3.61 11.73
CA ILE A 9 7.40 4.92 12.22
C ILE A 9 8.66 4.79 13.08
N ASP A 10 8.67 3.79 13.96
CA ASP A 10 9.78 3.62 14.90
C ASP A 10 11.07 3.12 14.24
N GLU A 11 10.95 2.11 13.39
CA GLU A 11 12.10 1.43 12.82
C GLU A 11 12.56 2.04 11.50
N GLY A 12 11.60 2.53 10.72
CA GLY A 12 11.90 3.07 9.40
C GLY A 12 12.18 1.96 8.41
N LEU A 13 12.89 2.28 7.33
CA LEU A 13 13.27 1.29 6.32
C LEU A 13 14.69 1.52 5.79
N ARG A 14 15.41 0.43 5.56
CA ARG A 14 16.79 0.49 5.09
C ARG A 14 17.15 -0.72 4.24
N LEU A 15 17.83 -0.49 3.13
CA LEU A 15 18.12 -1.53 2.16
C LEU A 15 19.46 -2.22 2.43
N LYS A 16 20.38 -1.49 3.04
CA LYS A 16 21.67 -2.06 3.42
C LYS A 16 21.69 -2.42 4.90
N ILE A 17 22.74 -3.12 5.33
CA ILE A 17 22.84 -3.56 6.72
C ILE A 17 23.17 -2.40 7.65
N TYR A 18 22.38 -2.25 8.71
CA TYR A 18 22.56 -1.12 9.63
C TYR A 18 22.55 -1.54 11.10
N LYS A 19 23.28 -0.79 11.92
CA LYS A 19 23.30 -0.98 13.36
C LYS A 19 22.06 -0.36 14.01
N ASN A 20 21.28 -1.19 14.69
CA ASN A 20 20.02 -0.74 15.25
C ASN A 20 20.19 0.14 16.49
N THR A 21 19.10 0.31 17.23
CA THR A 21 19.11 1.14 18.43
C THR A 21 20.06 0.60 19.50
N GLU A 22 20.15 -0.72 19.59
CA GLU A 22 21.01 -1.37 20.57
C GLU A 22 22.44 -1.57 20.09
N GLY A 23 22.70 -1.30 18.81
CA GLY A 23 24.04 -1.46 18.28
C GLY A 23 24.26 -2.76 17.50
N TYR A 24 23.29 -3.67 17.57
CA TYR A 24 23.40 -4.96 16.89
C TYR A 24 23.10 -4.83 15.39
N TYR A 25 23.48 -5.84 14.61
CA TYR A 25 23.28 -5.77 13.17
C TYR A 25 21.86 -6.14 12.74
N THR A 26 21.25 -5.24 11.97
CA THR A 26 19.82 -5.27 11.69
C THR A 26 19.55 -4.97 10.20
N ILE A 27 18.46 -5.52 9.68
CA ILE A 27 18.07 -5.29 8.28
C ILE A 27 16.58 -5.00 8.15
N GLY A 28 16.17 -4.47 6.99
CA GLY A 28 14.77 -4.27 6.68
C GLY A 28 14.08 -3.29 7.62
N ILE A 29 12.83 -3.58 7.95
CA ILE A 29 12.10 -2.78 8.93
C ILE A 29 12.34 -3.36 10.31
N GLY A 30 13.49 -3.01 10.88
CA GLY A 30 13.88 -3.44 12.22
C GLY A 30 14.05 -4.93 12.43
N HIS A 31 14.30 -5.68 11.37
CA HIS A 31 14.60 -7.10 11.56
C HIS A 31 16.03 -7.27 12.04
N LEU A 32 16.18 -7.83 13.23
CA LEU A 32 17.51 -8.02 13.81
C LEU A 32 18.17 -9.27 13.26
N LEU A 33 19.23 -9.06 12.46
CA LEU A 33 19.98 -10.18 11.91
C LEU A 33 20.80 -10.83 13.01
N THR A 34 21.72 -10.09 13.61
CA THR A 34 22.59 -10.71 14.59
C THR A 34 23.01 -9.82 15.75
N LYS A 35 23.35 -10.50 16.84
CA LYS A 35 23.84 -9.89 18.07
C LYS A 35 25.35 -9.70 17.93
N SER A 36 25.96 -10.57 17.13
CA SER A 36 27.40 -10.49 16.86
C SER A 36 27.74 -9.19 16.15
N PRO A 37 28.94 -8.65 16.42
CA PRO A 37 29.31 -7.42 15.71
C PRO A 37 30.22 -7.65 14.51
N SER A 38 30.43 -8.91 14.14
CA SER A 38 31.14 -9.20 12.90
C SER A 38 30.20 -9.10 11.70
N LEU A 39 30.60 -8.32 10.69
CA LEU A 39 29.73 -8.04 9.55
C LEU A 39 29.30 -9.30 8.80
N ASN A 40 30.26 -10.16 8.48
CA ASN A 40 29.95 -11.33 7.67
C ASN A 40 29.23 -12.39 8.51
N ALA A 41 29.33 -12.24 9.82
CA ALA A 41 28.66 -13.16 10.74
C ALA A 41 27.16 -12.84 10.71
N ALA A 42 26.85 -11.65 10.22
CA ALA A 42 25.47 -11.19 10.08
C ALA A 42 24.82 -11.79 8.86
N LYS A 43 25.62 -12.04 7.83
CA LYS A 43 25.13 -12.46 6.52
C LYS A 43 24.30 -13.74 6.57
N SER A 44 24.36 -14.44 7.69
CA SER A 44 23.72 -15.75 7.82
C SER A 44 22.18 -15.73 7.86
N GLU A 45 21.58 -14.94 8.75
CA GLU A 45 20.14 -14.95 8.94
C GLU A 45 19.34 -14.58 7.69
N LEU A 46 19.73 -13.50 7.02
CA LEU A 46 19.10 -13.09 5.76
C LEU A 46 19.14 -14.18 4.68
N ASP A 47 20.35 -14.62 4.37
CA ASP A 47 20.57 -15.69 3.39
C ASP A 47 19.74 -16.92 3.72
N LYS A 48 19.62 -17.23 5.01
CA LYS A 48 18.82 -18.36 5.46
C LYS A 48 17.35 -18.08 5.21
N ALA A 49 16.95 -16.84 5.43
CA ALA A 49 15.55 -16.43 5.29
C ALA A 49 15.08 -16.58 3.85
N ILE A 50 15.90 -16.12 2.90
CA ILE A 50 15.52 -16.20 1.49
C ILE A 50 15.94 -17.53 0.86
N GLY A 51 17.18 -17.94 1.08
CA GLY A 51 17.68 -19.18 0.51
C GLY A 51 18.67 -18.98 -0.63
N ARG A 52 19.19 -17.77 -0.77
CA ARG A 52 20.16 -17.46 -1.82
C ARG A 52 21.18 -16.43 -1.35
N ASN A 53 22.38 -16.49 -1.91
CA ASN A 53 23.49 -15.63 -1.50
C ASN A 53 23.22 -14.17 -1.89
N THR A 54 23.32 -13.26 -0.92
CA THR A 54 22.89 -11.87 -1.12
C THR A 54 23.98 -10.82 -0.98
N ASN A 55 25.06 -11.15 -0.27
CA ASN A 55 26.03 -10.15 0.22
C ASN A 55 25.40 -9.05 1.08
N GLY A 56 24.29 -9.36 1.75
CA GLY A 56 23.70 -8.46 2.72
C GLY A 56 22.66 -7.44 2.27
N VAL A 57 21.94 -7.74 1.18
CA VAL A 57 20.93 -6.82 0.68
C VAL A 57 19.59 -7.53 0.47
N ILE A 58 18.50 -6.79 0.61
CA ILE A 58 17.16 -7.35 0.42
C ILE A 58 16.28 -6.41 -0.42
N THR A 59 15.16 -6.93 -0.89
CA THR A 59 14.19 -6.11 -1.64
C THR A 59 13.12 -5.59 -0.69
N LYS A 60 12.25 -4.70 -1.19
CA LYS A 60 11.24 -4.07 -0.33
C LYS A 60 10.18 -5.06 0.12
N ASP A 61 9.74 -5.93 -0.79
CA ASP A 61 8.68 -6.89 -0.46
C ASP A 61 9.22 -7.93 0.51
N GLU A 62 10.52 -8.19 0.42
CA GLU A 62 11.19 -9.08 1.38
C GLU A 62 11.27 -8.43 2.76
N ALA A 63 11.48 -7.12 2.79
CA ALA A 63 11.46 -6.36 4.05
C ALA A 63 10.07 -6.29 4.67
N GLU A 64 9.04 -6.25 3.82
CA GLU A 64 7.66 -6.22 4.29
C GLU A 64 7.23 -7.60 4.79
N LYS A 65 7.65 -8.63 4.07
CA LYS A 65 7.44 -10.02 4.47
C LYS A 65 8.15 -10.30 5.79
N LEU A 66 9.40 -9.84 5.88
CA LEU A 66 10.19 -9.94 7.11
C LEU A 66 9.54 -9.16 8.25
N PHE A 67 8.85 -8.09 7.91
CA PHE A 67 8.14 -7.28 8.88
C PHE A 67 6.97 -8.07 9.46
N ASN A 68 6.08 -8.53 8.58
CA ASN A 68 4.92 -9.33 8.97
C ASN A 68 5.35 -10.56 9.76
N GLN A 69 6.43 -11.18 9.30
CA GLN A 69 6.99 -12.37 9.93
C GLN A 69 7.56 -12.07 11.30
N ASP A 70 8.21 -10.91 11.45
CA ASP A 70 8.82 -10.53 12.71
C ASP A 70 7.74 -10.24 13.75
N VAL A 71 6.64 -9.64 13.30
CA VAL A 71 5.52 -9.42 14.21
C VAL A 71 4.87 -10.76 14.58
N ASP A 72 4.84 -11.68 13.63
CA ASP A 72 4.33 -13.02 13.89
C ASP A 72 5.19 -13.78 14.92
N ALA A 73 6.50 -13.62 14.81
CA ALA A 73 7.41 -14.23 15.77
C ALA A 73 7.24 -13.56 17.13
N ALA A 74 6.95 -12.26 17.10
CA ALA A 74 6.67 -11.52 18.32
C ALA A 74 5.45 -12.07 19.04
N VAL A 75 4.35 -12.26 18.31
CA VAL A 75 3.13 -12.78 18.92
C VAL A 75 3.37 -14.24 19.38
N ARG A 76 4.15 -15.02 18.64
CA ARG A 76 4.50 -16.36 19.13
C ARG A 76 5.18 -16.26 20.50
N GLY A 77 6.18 -15.39 20.56
CA GLY A 77 6.97 -15.19 21.77
C GLY A 77 6.19 -14.74 22.99
N ILE A 78 5.30 -13.77 22.80
CA ILE A 78 4.47 -13.28 23.90
C ILE A 78 3.62 -14.39 24.51
N LEU A 79 3.02 -15.21 23.68
CA LEU A 79 2.15 -16.29 24.16
C LEU A 79 3.00 -17.40 24.78
N ARG A 80 4.21 -17.57 24.27
CA ARG A 80 5.17 -18.49 24.85
C ARG A 80 5.60 -18.03 26.25
N ASN A 81 5.86 -16.73 26.37
CA ASN A 81 6.45 -16.19 27.59
C ASN A 81 5.44 -16.08 28.74
N ALA A 82 5.87 -16.57 29.91
CA ALA A 82 4.98 -16.76 31.05
C ALA A 82 4.56 -15.49 31.81
N LYS A 83 5.47 -14.55 32.02
CA LYS A 83 5.15 -13.36 32.82
C LYS A 83 4.32 -12.32 32.08
N LEU A 84 4.47 -12.27 30.76
CA LEU A 84 3.85 -11.23 29.94
C LEU A 84 2.44 -11.57 29.45
N LYS A 85 2.23 -12.84 29.08
CA LYS A 85 0.94 -13.27 28.54
C LYS A 85 -0.26 -12.91 29.44
N PRO A 86 -0.14 -13.09 30.77
CA PRO A 86 -1.23 -12.58 31.62
C PRO A 86 -1.40 -11.07 31.48
N VAL A 87 -0.28 -10.35 31.40
CA VAL A 87 -0.33 -8.90 31.26
C VAL A 87 -0.98 -8.51 29.93
N TYR A 88 -0.72 -9.31 28.90
CA TYR A 88 -1.20 -9.04 27.54
C TYR A 88 -2.68 -9.39 27.29
N ASP A 89 -3.10 -10.55 27.79
CA ASP A 89 -4.46 -11.03 27.58
C ASP A 89 -5.53 -10.03 28.04
N SER A 90 -5.19 -9.22 29.03
CA SER A 90 -6.12 -8.24 29.59
C SER A 90 -6.27 -6.95 28.77
N LEU A 91 -5.27 -6.64 27.95
CA LEU A 91 -5.18 -5.33 27.30
C LEU A 91 -5.98 -5.18 26.00
N ASP A 92 -6.31 -3.93 25.68
CA ASP A 92 -6.98 -3.58 24.44
C ASP A 92 -6.00 -3.37 23.29
N ALA A 93 -6.53 -3.23 22.07
CA ALA A 93 -5.75 -3.13 20.84
C ALA A 93 -4.55 -2.20 20.91
N VAL A 94 -4.75 -1.00 21.44
CA VAL A 94 -3.69 0.01 21.50
C VAL A 94 -2.55 -0.39 22.45
N ARG A 95 -2.88 -0.68 23.70
CA ARG A 95 -1.87 -1.09 24.68
C ARG A 95 -1.22 -2.41 24.29
N ARG A 96 -2.02 -3.34 23.78
CA ARG A 96 -1.49 -4.58 23.20
C ARG A 96 -0.45 -4.25 22.16
N ALA A 97 -0.76 -3.29 21.29
CA ALA A 97 0.16 -2.87 20.25
C ALA A 97 1.46 -2.34 20.85
N ALA A 98 1.36 -1.51 21.90
CA ALA A 98 2.57 -0.99 22.56
C ALA A 98 3.45 -2.12 23.12
N LEU A 99 2.81 -3.08 23.77
CA LEU A 99 3.52 -4.24 24.30
C LEU A 99 4.22 -5.01 23.17
N ILE A 100 3.48 -5.29 22.11
CA ILE A 100 4.02 -5.94 20.93
C ILE A 100 5.22 -5.16 20.38
N ASN A 101 5.15 -3.84 20.48
CA ASN A 101 6.24 -2.98 20.02
C ASN A 101 7.49 -3.24 20.87
N MET A 102 7.35 -3.20 22.18
CA MET A 102 8.48 -3.48 23.06
C MET A 102 9.08 -4.87 22.85
N VAL A 103 8.22 -5.88 22.76
CA VAL A 103 8.67 -7.26 22.57
C VAL A 103 9.38 -7.41 21.23
N PHE A 104 8.88 -6.70 20.23
CA PHE A 104 9.45 -6.65 18.90
C PHE A 104 10.85 -6.04 18.98
N GLN A 105 10.95 -4.99 19.78
CA GLN A 105 12.15 -4.18 19.89
C GLN A 105 13.32 -4.82 20.63
N MET A 106 13.02 -5.53 21.72
CA MET A 106 14.08 -5.96 22.63
C MET A 106 14.13 -7.48 22.74
N GLY A 107 13.14 -8.15 22.16
CA GLY A 107 13.13 -9.60 22.10
C GLY A 107 12.27 -10.26 23.16
N GLU A 108 11.93 -11.52 22.92
CA GLU A 108 11.09 -12.28 23.84
C GLU A 108 11.71 -12.46 25.23
N THR A 109 12.98 -12.87 25.26
CA THR A 109 13.66 -13.21 26.50
C THR A 109 13.87 -12.03 27.45
N GLY A 110 14.36 -10.92 26.92
CA GLY A 110 14.72 -9.76 27.73
C GLY A 110 13.61 -8.94 28.34
N VAL A 111 12.55 -8.74 27.58
CA VAL A 111 11.38 -7.96 27.99
C VAL A 111 10.72 -8.48 29.27
N ALA A 112 10.71 -9.79 29.46
CA ALA A 112 10.08 -10.40 30.63
C ALA A 112 10.77 -10.05 31.95
N GLY A 113 11.81 -9.23 31.89
CA GLY A 113 12.49 -8.78 33.08
C GLY A 113 11.85 -7.55 33.69
N PHE A 114 10.85 -7.00 33.02
CA PHE A 114 10.17 -5.80 33.48
C PHE A 114 9.01 -6.19 34.39
N THR A 115 9.31 -6.95 35.44
CA THR A 115 8.30 -7.54 36.30
C THR A 115 7.43 -6.48 36.99
N ASN A 116 8.09 -5.50 37.61
CA ASN A 116 7.43 -4.38 38.27
C ASN A 116 6.39 -3.72 37.39
N SER A 117 6.75 -3.47 36.14
CA SER A 117 5.92 -2.72 35.23
C SER A 117 4.88 -3.60 34.58
N LEU A 118 5.24 -4.85 34.27
CA LEU A 118 4.28 -5.79 33.72
C LEU A 118 3.12 -5.97 34.71
N ARG A 119 3.50 -6.17 35.97
CA ARG A 119 2.53 -6.28 37.05
C ARG A 119 1.73 -5.00 37.17
N MET A 120 2.44 -3.86 37.11
CA MET A 120 1.80 -2.54 37.10
C MET A 120 0.80 -2.38 35.98
N LEU A 121 0.93 -3.19 34.92
CA LEU A 121 0.07 -3.05 33.76
C LEU A 121 -1.10 -4.02 33.82
N GLN A 122 -0.92 -5.16 34.50
CA GLN A 122 -2.05 -6.05 34.73
C GLN A 122 -3.08 -5.36 35.59
N GLN A 123 -2.61 -4.64 36.59
CA GLN A 123 -3.48 -3.91 37.51
C GLN A 123 -3.95 -2.60 36.91
N LYS A 124 -3.41 -2.27 35.74
CA LYS A 124 -3.83 -1.10 34.96
C LYS A 124 -3.50 0.20 35.71
N ARG A 125 -2.31 0.27 36.30
CA ARG A 125 -1.87 1.47 36.99
C ARG A 125 -0.97 2.30 36.08
N TRP A 126 -1.58 2.93 35.08
CA TRP A 126 -0.84 3.52 33.96
C TRP A 126 0.17 4.60 34.33
N ASP A 127 -0.22 5.54 35.18
CA ASP A 127 0.59 6.72 35.50
C ASP A 127 1.95 6.39 36.14
N GLU A 128 1.92 5.76 37.32
CA GLU A 128 3.16 5.46 38.03
C GLU A 128 3.98 4.43 37.27
N ALA A 129 3.29 3.60 36.49
CA ALA A 129 3.95 2.73 35.52
C ALA A 129 4.76 3.54 34.53
N ALA A 130 4.17 4.64 34.05
CA ALA A 130 4.80 5.50 33.07
C ALA A 130 5.98 6.24 33.70
N VAL A 131 5.88 6.47 35.00
CA VAL A 131 6.97 7.11 35.73
C VAL A 131 8.13 6.12 35.88
N ASN A 132 7.79 4.87 36.18
CA ASN A 132 8.79 3.83 36.39
C ASN A 132 9.50 3.41 35.10
N LEU A 133 8.75 3.30 34.01
CA LEU A 133 9.31 2.94 32.72
C LEU A 133 10.24 4.04 32.22
N ALA A 134 9.99 5.27 32.66
CA ALA A 134 10.88 6.39 32.36
C ALA A 134 12.24 6.18 33.04
N LYS A 135 12.24 5.37 34.09
CA LYS A 135 13.48 5.00 34.77
C LYS A 135 13.86 3.56 34.43
N SER A 136 14.28 3.34 33.18
CA SER A 136 14.61 2.01 32.69
C SER A 136 15.66 2.09 31.61
N ARG A 137 16.41 1.00 31.42
CA ARG A 137 17.47 0.96 30.42
C ARG A 137 16.92 1.21 29.02
N TRP A 138 15.68 0.78 28.80
CA TRP A 138 15.01 0.97 27.53
C TRP A 138 14.80 2.44 27.17
N TYR A 139 14.46 3.27 28.16
CA TYR A 139 14.37 4.71 27.94
C TYR A 139 15.74 5.25 27.51
N ASN A 140 16.80 4.68 28.07
CA ASN A 140 18.14 5.05 27.68
C ASN A 140 18.40 4.68 26.22
N GLN A 141 17.95 3.49 25.84
CA GLN A 141 18.14 3.00 24.47
C GLN A 141 17.42 3.91 23.46
N THR A 142 16.10 4.00 23.60
CA THR A 142 15.28 4.76 22.66
C THR A 142 14.34 5.73 23.38
N PRO A 143 14.89 6.81 23.95
CA PRO A 143 14.10 7.75 24.76
C PRO A 143 12.86 8.31 24.06
N ASN A 144 13.00 8.68 22.79
CA ASN A 144 11.87 9.14 22.00
C ASN A 144 10.82 8.04 21.85
N ARG A 145 11.25 6.91 21.31
CA ARG A 145 10.40 5.74 21.14
C ARG A 145 9.83 5.29 22.47
N ALA A 146 10.66 5.30 23.51
CA ALA A 146 10.22 4.90 24.83
C ALA A 146 9.08 5.82 25.27
N LYS A 147 9.26 7.12 25.03
CA LYS A 147 8.24 8.10 25.38
C LYS A 147 6.93 7.84 24.64
N ARG A 148 7.02 7.47 23.36
CA ARG A 148 5.82 7.19 22.58
C ARG A 148 5.09 5.93 23.05
N VAL A 149 5.84 4.83 23.22
CA VAL A 149 5.26 3.58 23.69
C VAL A 149 4.62 3.75 25.07
N ILE A 150 5.36 4.40 25.96
CA ILE A 150 4.86 4.72 27.30
C ILE A 150 3.58 5.53 27.23
N THR A 151 3.56 6.54 26.36
CA THR A 151 2.37 7.36 26.16
C THR A 151 1.18 6.52 25.70
N THR A 152 1.45 5.57 24.80
CA THR A 152 0.45 4.65 24.31
C THR A 152 -0.12 3.81 25.45
N PHE A 153 0.77 3.30 26.29
CA PHE A 153 0.39 2.55 27.47
C PHE A 153 -0.46 3.39 28.42
N ARG A 154 -0.13 4.67 28.50
CA ARG A 154 -0.77 5.58 29.46
C ARG A 154 -2.18 5.98 29.05
N THR A 155 -2.33 6.47 27.82
CA THR A 155 -3.61 7.01 27.39
C THR A 155 -4.49 6.00 26.63
N GLY A 156 -3.87 5.01 26.01
CA GLY A 156 -4.63 3.95 25.36
C GLY A 156 -5.18 4.31 24.00
N THR A 157 -4.55 5.28 23.34
CA THR A 157 -4.96 5.71 22.01
C THR A 157 -3.76 5.95 21.10
N TRP A 158 -4.02 6.34 19.86
CA TRP A 158 -2.96 6.49 18.87
C TRP A 158 -2.49 7.93 18.79
N ASP A 159 -2.53 8.63 19.93
CA ASP A 159 -2.23 10.05 19.96
C ASP A 159 -0.75 10.37 19.79
N ALA A 160 0.10 9.51 20.34
CA ALA A 160 1.52 9.78 20.40
C ALA A 160 2.23 9.62 19.06
N TYR A 161 1.78 8.66 18.25
CA TYR A 161 2.44 8.32 16.99
C TYR A 161 2.03 9.20 15.80
N ALA A 162 0.87 9.83 15.89
CA ALA A 162 0.42 10.79 14.88
C ALA A 162 1.37 11.98 14.75
N ALA A 163 1.90 12.44 15.89
CA ALA A 163 2.84 13.55 15.90
C ALA A 163 4.12 13.11 15.20
N ALA A 164 4.56 11.89 15.48
CA ALA A 164 5.70 11.30 14.80
C ALA A 164 5.45 11.22 13.30
N ARG A 165 4.20 10.97 12.92
CA ARG A 165 3.82 10.90 11.51
C ARG A 165 4.00 12.29 10.86
N THR A 166 3.53 13.32 11.56
CA THR A 166 3.73 14.70 11.12
C THR A 166 5.21 15.03 10.92
N VAL A 167 6.01 14.69 11.93
CA VAL A 167 7.46 14.88 11.86
C VAL A 167 8.04 14.20 10.63
N GLN A 168 7.66 12.93 10.42
CA GLN A 168 8.09 12.16 9.25
C GLN A 168 7.79 12.92 7.96
N ARG A 169 6.59 13.49 7.88
CA ARG A 169 6.21 14.29 6.73
C ARG A 169 7.15 15.48 6.53
N ARG A 170 7.42 16.19 7.62
CA ARG A 170 8.28 17.38 7.59
C ARG A 170 9.69 17.06 7.10
N LEU A 171 10.29 16.05 7.71
CA LEU A 171 11.62 15.60 7.36
C LEU A 171 11.69 15.12 5.91
N LEU A 172 10.72 14.29 5.53
CA LEU A 172 10.64 13.78 4.17
C LEU A 172 10.58 14.93 3.16
N ALA A 173 9.84 15.97 3.51
CA ALA A 173 9.74 17.14 2.65
C ALA A 173 11.10 17.80 2.49
N PHE A 174 11.81 17.95 3.61
CA PHE A 174 13.14 18.54 3.56
C PHE A 174 14.08 17.73 2.66
N ALA A 175 14.05 16.42 2.85
CA ALA A 175 14.86 15.48 2.10
C ALA A 175 14.56 15.52 0.60
N LEU A 176 13.27 15.57 0.24
CA LEU A 176 12.90 15.61 -1.17
C LEU A 176 13.33 16.92 -1.81
N ARG A 177 13.18 18.03 -1.08
CA ARG A 177 13.62 19.32 -1.60
C ARG A 177 15.12 19.31 -1.85
N LYS A 178 15.89 18.75 -0.91
CA LYS A 178 17.34 18.68 -1.07
C LYS A 178 17.75 17.75 -2.21
N LEU A 179 17.04 16.63 -2.37
CA LEU A 179 17.37 15.64 -3.40
C LEU A 179 17.06 16.17 -4.80
N ILE A 180 15.83 16.64 -5.00
CA ILE A 180 15.42 17.19 -6.29
C ILE A 180 16.31 18.37 -6.61
N GLY A 181 16.65 19.14 -5.57
CA GLY A 181 17.62 20.22 -5.68
C GLY A 181 18.95 19.72 -6.21
N SER A 182 19.40 18.58 -5.72
CA SER A 182 20.68 18.01 -6.11
C SER A 182 20.70 17.47 -7.55
N ILE A 183 19.61 16.84 -7.95
CA ILE A 183 19.50 16.30 -9.32
C ILE A 183 19.48 17.40 -10.38
N LEU A 184 18.80 18.50 -10.08
CA LEU A 184 18.55 19.54 -11.07
C LEU A 184 19.36 20.82 -10.80
N LEU A 185 19.44 21.68 -11.79
CA LEU A 185 20.04 23.00 -11.63
C LEU A 185 19.01 24.05 -11.21
N GLU A 186 17.73 23.70 -11.27
CA GLU A 186 16.65 24.62 -10.92
C GLU A 186 16.48 24.76 -9.40
N ASN A 187 16.04 25.94 -8.97
CA ASN A 187 15.80 26.23 -7.57
C ASN A 187 14.43 25.76 -7.06
N VAL A 188 14.42 24.68 -6.28
CA VAL A 188 13.18 24.11 -5.77
C VAL A 188 12.82 24.68 -4.39
N GLN A 189 11.87 25.61 -4.37
CA GLN A 189 11.43 26.21 -3.12
C GLN A 189 10.66 25.23 -2.25
N PRO A 190 10.61 25.48 -0.94
CA PRO A 190 9.80 24.64 -0.04
C PRO A 190 8.32 24.64 -0.42
N GLU A 191 7.89 25.67 -1.14
CA GLU A 191 6.48 25.80 -1.53
C GLU A 191 6.08 24.76 -2.58
N ASP A 192 6.98 24.43 -3.48
CA ASP A 192 6.70 23.45 -4.53
C ASP A 192 6.59 22.04 -3.93
N ILE A 193 7.48 21.71 -3.00
CA ILE A 193 7.41 20.43 -2.32
C ILE A 193 6.14 20.41 -1.48
N ASP A 194 5.81 21.56 -0.90
CA ASP A 194 4.55 21.73 -0.18
C ASP A 194 3.37 21.43 -1.10
N ILE A 195 3.50 21.80 -2.36
CA ILE A 195 2.50 21.42 -3.36
C ILE A 195 2.49 19.91 -3.53
N LEU A 196 3.67 19.31 -3.57
CA LEU A 196 3.79 17.86 -3.71
C LEU A 196 3.14 17.13 -2.53
N PHE A 197 3.01 17.80 -1.40
CA PHE A 197 2.40 17.17 -0.23
C PHE A 197 0.91 17.51 -0.05
N SER A 198 0.51 18.74 -0.36
CA SER A 198 -0.88 19.15 -0.30
C SER A 198 -1.68 18.40 -1.34
N LYS A 199 -1.31 18.60 -2.60
CA LYS A 199 -1.79 17.76 -3.68
C LYS A 199 -0.76 16.67 -3.89
N GLY A 200 -1.18 15.50 -4.37
CA GLY A 200 -0.26 14.39 -4.53
C GLY A 200 0.86 14.61 -5.54
N VAL A 201 0.64 15.52 -6.48
CA VAL A 201 1.52 15.69 -7.63
C VAL A 201 2.39 16.95 -7.58
N LEU A 202 3.58 16.86 -8.18
CA LEU A 202 4.39 18.05 -8.49
C LEU A 202 5.06 17.88 -9.84
N MET A 203 4.80 18.80 -10.76
CA MET A 203 5.40 18.71 -12.09
C MET A 203 6.29 19.90 -12.36
N LEU A 204 7.56 19.63 -12.68
CA LEU A 204 8.46 20.68 -13.08
C LEU A 204 8.80 20.49 -14.55
N SER A 205 8.93 21.58 -15.30
CA SER A 205 9.11 21.46 -16.74
C SER A 205 10.29 22.29 -17.21
N ASN A 206 10.82 21.91 -18.37
CA ASN A 206 12.02 22.55 -18.93
C ASN A 206 13.12 22.60 -17.90
N LEU A 207 13.59 21.43 -17.46
CA LEU A 207 14.60 21.36 -16.42
C LEU A 207 16.01 21.15 -16.98
N GLN A 208 16.96 20.94 -16.07
CA GLN A 208 18.32 20.62 -16.48
C GLN A 208 19.02 19.80 -15.41
N LEU A 209 19.57 18.66 -15.81
CA LEU A 209 20.26 17.78 -14.88
C LEU A 209 21.54 18.42 -14.36
N ASN A 210 21.91 18.07 -13.14
CA ASN A 210 23.19 18.48 -12.58
C ASN A 210 24.21 17.40 -12.92
N CYS A 211 25.06 17.68 -13.90
CA CYS A 211 26.02 16.69 -14.41
C CYS A 211 26.98 16.18 -13.33
N SER A 212 27.25 17.02 -12.34
CA SER A 212 28.12 16.61 -11.23
C SER A 212 27.44 15.52 -10.41
N PHE A 213 26.14 15.69 -10.15
CA PHE A 213 25.34 14.67 -9.48
C PHE A 213 25.45 13.33 -10.20
N LEU A 214 25.22 13.35 -11.51
CA LEU A 214 25.23 12.13 -12.30
C LEU A 214 26.60 11.47 -12.30
N ASN A 215 27.64 12.27 -12.59
CA ASN A 215 29.01 11.78 -12.52
C ASN A 215 29.34 11.14 -11.17
N ALA A 216 28.83 11.72 -10.09
CA ALA A 216 29.08 11.19 -8.75
C ALA A 216 28.30 9.90 -8.49
N VAL A 217 27.05 9.86 -8.94
CA VAL A 217 26.19 8.72 -8.68
C VAL A 217 26.46 7.53 -9.59
N VAL A 218 26.33 7.73 -10.90
CA VAL A 218 26.56 6.68 -11.87
C VAL A 218 28.02 6.22 -11.80
N SER A 219 28.92 7.20 -11.90
CA SER A 219 30.36 6.98 -11.80
C SER A 219 30.85 5.93 -12.78
N ILE A 223 33.47 7.19 -16.72
CA ILE A 223 32.19 7.58 -17.30
C ILE A 223 31.88 9.05 -17.03
N ASN A 224 31.88 9.85 -18.09
CA ASN A 224 31.62 11.29 -17.94
C ASN A 224 30.38 11.82 -18.66
N PHE A 225 29.42 12.32 -17.87
CA PHE A 225 28.24 13.00 -18.42
C PHE A 225 28.58 14.44 -18.79
N THR A 226 28.24 14.85 -20.01
CA THR A 226 28.50 16.22 -20.43
C THR A 226 27.37 17.16 -19.98
N LYS A 227 26.14 16.83 -20.35
CA LYS A 227 24.98 17.63 -19.99
C LYS A 227 23.73 16.75 -19.92
N GLY A 228 22.75 17.14 -19.10
CA GLY A 228 21.51 16.42 -19.02
C GLY A 228 20.32 17.36 -18.92
N THR A 229 19.41 17.27 -19.88
CA THR A 229 18.22 18.11 -19.84
C THR A 229 16.96 17.26 -19.78
N LEU A 230 16.05 17.60 -18.88
CA LEU A 230 14.80 16.86 -18.79
C LEU A 230 13.62 17.79 -19.03
N ARG A 231 12.88 17.48 -20.08
CA ARG A 231 11.72 18.25 -20.51
C ARG A 231 10.67 18.35 -19.40
N ARG A 232 10.37 17.21 -18.77
CA ARG A 232 9.31 17.17 -17.79
C ARG A 232 9.65 16.17 -16.68
N LEU A 233 9.33 16.55 -15.45
CA LEU A 233 9.57 15.71 -14.29
C LEU A 233 8.32 15.70 -13.45
N ILE A 234 7.87 14.50 -13.09
CA ILE A 234 6.64 14.32 -12.37
C ILE A 234 6.93 13.54 -11.11
N LEU A 235 6.59 14.13 -9.97
CA LEU A 235 6.77 13.44 -8.71
C LEU A 235 5.41 13.26 -8.05
N ARG A 236 5.25 12.15 -7.35
CA ARG A 236 3.99 11.83 -6.72
C ARG A 236 4.25 11.10 -5.41
N LEU A 237 3.52 11.48 -4.37
CA LEU A 237 3.72 10.86 -3.08
C LEU A 237 2.42 10.24 -2.59
N ASN A 238 2.50 9.02 -2.05
CA ASN A 238 1.34 8.40 -1.45
C ASN A 238 1.04 9.10 -0.14
N VAL A 239 0.48 10.30 -0.23
CA VAL A 239 0.33 11.20 0.91
C VAL A 239 -0.73 10.67 1.87
N THR A 240 -1.71 9.95 1.32
CA THR A 240 -2.74 9.33 2.14
C THR A 240 -2.14 8.31 3.11
N ASP A 241 -1.03 7.69 2.71
CA ASP A 241 -0.33 6.73 3.56
C ASP A 241 1.18 6.97 3.55
N ILE A 242 1.61 8.09 4.13
CA ILE A 242 3.01 8.52 4.04
C ILE A 242 3.97 7.56 4.77
N VAL A 243 3.46 6.82 5.75
CA VAL A 243 4.30 5.93 6.54
C VAL A 243 4.67 4.67 5.76
N ASN A 244 3.69 4.13 5.04
CA ASN A 244 3.95 3.05 4.09
C ASN A 244 4.28 3.69 2.75
N LEU A 245 5.50 4.24 2.66
CA LEU A 245 5.85 5.17 1.61
C LEU A 245 5.89 4.54 0.21
N ASN A 246 5.24 5.23 -0.73
CA ASN A 246 5.29 4.90 -2.14
C ASN A 246 5.61 6.14 -2.96
N VAL A 247 6.76 6.17 -3.61
CA VAL A 247 7.19 7.35 -4.35
C VAL A 247 7.15 7.09 -5.85
N GLU A 248 6.57 8.04 -6.60
CA GLU A 248 6.52 7.93 -8.05
C GLU A 248 7.26 9.05 -8.77
N LEU A 249 8.41 8.68 -9.33
CA LEU A 249 9.24 9.59 -10.09
C LEU A 249 9.10 9.28 -11.57
N GLU A 250 8.99 10.31 -12.39
CA GLU A 250 8.83 10.12 -13.83
C GLU A 250 9.55 11.20 -14.61
N VAL A 251 10.34 10.78 -15.60
CA VAL A 251 11.09 11.73 -16.39
C VAL A 251 10.77 11.59 -17.87
N ASN A 252 10.28 12.67 -18.47
CA ASN A 252 9.93 12.66 -19.89
C ASN A 252 10.79 13.64 -20.66
N GLY A 253 11.38 13.16 -21.75
CA GLY A 253 12.23 13.98 -22.57
C GLY A 253 13.60 14.10 -21.93
N LEU A 254 14.08 13.00 -21.38
CA LEU A 254 15.42 12.95 -20.80
C LEU A 254 16.39 13.14 -21.97
N SER A 255 17.48 13.85 -21.72
CA SER A 255 18.51 14.07 -22.71
C SER A 255 19.88 14.03 -22.07
N LEU A 256 20.45 12.83 -22.02
CA LEU A 256 21.77 12.60 -21.46
C LEU A 256 22.86 12.67 -22.54
N GLU A 257 23.95 13.33 -22.22
CA GLU A 257 25.13 13.35 -23.09
C GLU A 257 26.31 12.80 -22.29
N ILE A 258 26.95 11.77 -22.83
CA ILE A 258 27.95 11.01 -22.09
C ILE A 258 29.26 10.94 -22.88
N GLU A 259 30.38 11.03 -22.16
CA GLU A 259 31.68 10.86 -22.78
C GLU A 259 32.40 9.69 -22.12
N LEU A 260 32.91 8.78 -22.93
CA LEU A 260 33.62 7.60 -22.42
C LEU A 260 35.11 7.66 -22.76
N ILE A 281 24.57 -0.13 -6.42
CA ILE A 281 24.67 1.01 -7.30
C ILE A 281 24.05 2.26 -6.68
N LEU A 282 22.84 2.11 -6.14
CA LEU A 282 22.12 3.20 -5.51
C LEU A 282 22.77 3.78 -4.25
N ASP A 283 23.42 2.92 -3.48
CA ASP A 283 23.97 3.31 -2.18
C ASP A 283 24.87 4.55 -2.22
N ASN A 284 25.64 4.70 -3.28
CA ASN A 284 26.56 5.83 -3.40
C ASN A 284 25.81 7.16 -3.40
N VAL A 285 24.59 7.16 -3.97
CA VAL A 285 23.76 8.35 -3.99
C VAL A 285 23.57 8.79 -2.54
N VAL A 286 23.15 7.84 -1.72
CA VAL A 286 22.88 8.10 -0.31
C VAL A 286 24.15 8.65 0.33
N GLU A 287 25.30 8.07 -0.04
CA GLU A 287 26.57 8.53 0.48
C GLU A 287 26.78 10.00 0.15
N TYR A 288 26.59 10.36 -1.12
CA TYR A 288 26.87 11.72 -1.59
C TYR A 288 26.12 12.73 -0.74
N MET A 289 24.82 12.54 -0.61
CA MET A 289 24.00 13.50 0.11
C MET A 289 24.45 13.47 1.56
N ASN A 290 24.70 12.26 2.07
CA ASN A 290 25.18 12.07 3.44
C ASN A 290 26.34 13.02 3.68
N LYS A 291 27.23 13.13 2.71
CA LYS A 291 28.29 14.11 2.79
C LYS A 291 27.72 15.53 2.76
N THR A 292 27.21 15.91 1.58
CA THR A 292 26.85 17.30 1.29
C THR A 292 25.76 17.96 2.13
N ALA A 293 24.71 17.21 2.47
CA ALA A 293 23.54 17.84 3.07
C ALA A 293 23.34 17.56 4.56
N SER A 294 23.99 16.51 5.07
CA SER A 294 23.80 16.10 6.45
C SER A 294 23.96 17.25 7.44
N GLN A 295 24.87 18.16 7.14
CA GLN A 295 25.09 19.30 8.02
C GLN A 295 23.92 20.26 7.92
N ASP A 296 23.57 20.66 6.70
CA ASP A 296 22.52 21.64 6.50
C ASP A 296 21.18 21.08 6.95
N PHE A 297 20.95 19.81 6.64
CA PHE A 297 19.74 19.13 7.10
C PHE A 297 19.72 19.15 8.61
N GLU A 298 20.89 18.88 9.21
CA GLU A 298 21.01 18.91 10.65
C GLU A 298 20.73 20.33 11.10
N ASP A 299 21.28 21.30 10.38
CA ASP A 299 21.06 22.69 10.71
C ASP A 299 19.57 22.99 10.67
N GLU A 300 18.86 22.39 9.72
CA GLU A 300 17.43 22.62 9.59
C GLU A 300 16.63 21.84 10.64
N VAL A 301 16.97 20.56 10.81
CA VAL A 301 16.26 19.69 11.73
C VAL A 301 16.37 20.15 13.17
N ILE A 302 17.54 20.69 13.53
CA ILE A 302 17.68 21.34 14.83
C ILE A 302 16.88 22.64 14.86
N ASN A 303 17.00 23.44 13.79
CA ASN A 303 16.24 24.69 13.67
C ASN A 303 14.74 24.53 13.85
N GLU A 304 14.17 23.50 13.23
CA GLU A 304 12.75 23.21 13.35
C GLU A 304 12.41 22.75 14.77
N GLY A 305 13.37 22.10 15.42
CA GLY A 305 13.23 21.71 16.80
C GLY A 305 12.66 20.32 16.97
N ASN A 316 23.32 11.85 12.22
CA ASN A 316 23.00 11.26 10.90
C ASN A 316 21.55 10.81 10.84
N LEU A 317 20.64 11.77 10.77
CA LEU A 317 19.20 11.48 10.70
C LEU A 317 18.73 11.40 9.24
N LEU A 318 19.22 12.31 8.42
CA LEU A 318 18.85 12.39 7.01
C LEU A 318 19.17 11.12 6.23
N ASP A 319 20.04 10.28 6.76
CA ASP A 319 20.44 9.05 6.09
C ASP A 319 19.29 8.06 5.99
N SER A 320 18.52 7.93 7.05
CA SER A 320 17.39 7.00 7.07
C SER A 320 16.29 7.41 6.11
N ILE A 321 15.85 8.66 6.23
CA ILE A 321 14.83 9.24 5.36
C ILE A 321 15.15 9.00 3.88
N LEU A 322 16.39 9.29 3.50
CA LEU A 322 16.80 9.16 2.10
C LEU A 322 16.75 7.72 1.63
N GLN A 323 17.18 6.82 2.50
CA GLN A 323 17.18 5.40 2.18
C GLN A 323 15.77 4.89 1.97
N LYS A 324 14.85 5.28 2.86
CA LYS A 324 13.46 4.87 2.74
C LYS A 324 12.85 5.44 1.48
N CYS A 325 13.18 6.70 1.19
CA CYS A 325 12.72 7.38 0.00
C CYS A 325 13.12 6.63 -1.27
N LEU A 326 14.44 6.49 -1.46
CA LEU A 326 14.98 5.82 -2.65
C LEU A 326 14.59 4.35 -2.73
N ALA A 327 14.31 3.73 -1.59
CA ALA A 327 13.84 2.34 -1.56
C ALA A 327 12.38 2.23 -2.00
N SER A 328 11.59 3.25 -1.68
CA SER A 328 10.16 3.23 -1.95
C SER A 328 9.81 3.67 -3.36
N THR A 329 10.75 4.34 -4.03
CA THR A 329 10.44 4.91 -5.34
C THR A 329 10.43 3.88 -6.48
N SER A 330 9.39 3.97 -7.30
CA SER A 330 9.32 3.22 -8.56
C SER A 330 9.50 4.24 -9.67
N VAL A 331 10.34 3.93 -10.66
CA VAL A 331 10.72 4.96 -11.63
C VAL A 331 10.12 4.75 -13.01
N LEU A 332 9.70 5.83 -13.66
CA LEU A 332 9.30 5.77 -15.06
C LEU A 332 10.08 6.80 -15.87
N MET A 333 10.32 6.47 -17.13
CA MET A 333 10.99 7.39 -18.05
C MET A 333 10.38 7.20 -19.43
N GLN A 334 10.15 8.30 -20.14
CA GLN A 334 9.61 8.21 -21.49
C GLN A 334 10.35 9.11 -22.46
N ASP A 335 10.52 8.60 -23.67
CA ASP A 335 11.17 9.32 -24.75
C ASP A 335 12.51 9.92 -24.31
N ALA A 336 13.42 9.04 -23.91
CA ALA A 336 14.75 9.47 -23.53
C ALA A 336 15.67 9.48 -24.74
N LEU A 337 16.74 10.27 -24.65
CA LEU A 337 17.77 10.35 -25.67
C LEU A 337 19.14 10.39 -25.02
N VAL A 338 19.97 9.41 -25.36
CA VAL A 338 21.29 9.30 -24.78
C VAL A 338 22.36 9.37 -25.85
N TYR A 339 23.44 10.08 -25.58
CA TYR A 339 24.59 10.05 -26.47
C TYR A 339 25.77 9.51 -25.69
N ILE A 340 26.64 8.76 -26.35
CA ILE A 340 27.84 8.25 -25.69
C ILE A 340 29.03 8.54 -26.59
N GLY A 341 30.21 8.74 -26.00
CA GLY A 341 31.37 9.09 -26.79
C GLY A 341 32.67 9.12 -26.00
N ARG A 348 30.39 9.81 -31.89
CA ARG A 348 29.51 9.57 -30.75
C ARG A 348 28.24 8.83 -31.17
N LEU A 349 27.86 7.83 -30.37
CA LEU A 349 26.69 7.01 -30.65
C LEU A 349 25.42 7.59 -30.01
N GLU A 350 24.28 7.29 -30.63
CA GLU A 350 22.99 7.80 -30.16
C GLU A 350 21.98 6.70 -29.86
N ALA A 351 21.49 6.67 -28.62
CA ALA A 351 20.50 5.70 -28.21
C ALA A 351 19.18 6.42 -27.98
N LYS A 352 18.12 5.96 -28.64
CA LYS A 352 16.80 6.54 -28.49
C LYS A 352 15.86 5.55 -27.82
N LEU A 353 15.29 5.95 -26.68
CA LEU A 353 14.46 5.05 -25.89
C LEU A 353 13.01 5.54 -25.80
N ASP A 354 12.07 4.67 -26.17
CA ASP A 354 10.67 5.06 -26.21
C ASP A 354 10.03 5.08 -24.83
N PHE A 355 10.39 4.12 -23.99
CA PHE A 355 9.77 3.97 -22.67
C PHE A 355 10.48 2.97 -21.77
N MET A 356 10.75 3.34 -20.52
CA MET A 356 11.39 2.43 -19.57
C MET A 356 10.81 2.56 -18.16
N SER A 357 10.83 1.46 -17.40
CA SER A 357 10.31 1.44 -16.04
C SER A 357 11.21 0.65 -15.10
N PHE A 358 11.19 1.03 -13.83
CA PHE A 358 12.03 0.44 -12.80
C PHE A 358 11.17 0.10 -11.59
N SER A 359 10.80 -1.18 -11.46
CA SER A 359 9.87 -1.57 -10.41
C SER A 359 10.27 -2.88 -9.73
N SER A 360 9.60 -3.26 -8.65
CA SER A 360 9.98 -4.45 -7.90
C SER A 360 9.29 -5.70 -8.44
N VAL A 361 10.03 -6.81 -8.51
CA VAL A 361 9.49 -8.03 -9.11
C VAL A 361 10.10 -9.32 -8.54
N LYS A 362 9.54 -10.45 -8.96
CA LYS A 362 9.99 -11.76 -8.49
C LYS A 362 10.73 -12.52 -9.57
N THR A 366 16.62 -10.98 -8.60
CA THR A 366 17.19 -10.79 -7.27
C THR A 366 17.15 -9.32 -6.85
N SER A 367 16.44 -8.51 -7.61
CA SER A 367 16.34 -7.08 -7.35
C SER A 367 15.18 -6.45 -8.12
N ARG A 368 15.14 -5.13 -8.17
CA ARG A 368 14.21 -4.43 -9.04
C ARG A 368 14.50 -4.66 -10.51
N LEU A 369 13.44 -4.79 -11.30
CA LEU A 369 13.55 -5.02 -12.73
C LEU A 369 13.48 -3.70 -13.49
N LEU A 370 14.42 -3.57 -14.43
CA LEU A 370 14.48 -2.46 -15.37
C LEU A 370 13.97 -2.94 -16.73
N ASN A 371 12.72 -2.62 -17.03
CA ASN A 371 12.13 -2.99 -18.31
C ASN A 371 12.22 -1.85 -19.30
N ILE A 372 12.82 -2.11 -20.46
CA ILE A 372 13.03 -1.09 -21.48
C ILE A 372 12.36 -1.46 -22.80
N ASN A 373 11.74 -0.46 -23.43
CA ASN A 373 10.98 -0.63 -24.68
C ASN A 373 11.27 0.47 -25.69
N GLY A 374 11.59 0.06 -26.91
CA GLY A 374 11.70 0.98 -28.03
C GLY A 374 13.09 1.54 -28.30
N ILE A 375 14.13 0.81 -27.91
CA ILE A 375 15.49 1.25 -28.18
C ILE A 375 15.83 1.18 -29.67
N THR A 376 16.27 2.31 -30.21
CA THR A 376 16.89 2.33 -31.53
C THR A 376 18.19 3.10 -31.43
N VAL A 377 19.29 2.50 -31.87
CA VAL A 377 20.58 3.16 -31.75
C VAL A 377 21.13 3.47 -33.15
N SER A 378 21.56 4.71 -33.35
CA SER A 378 22.07 5.18 -34.63
C SER A 378 23.17 6.23 -34.46
N MET A 379 23.47 6.90 -35.57
CA MET A 379 24.56 7.87 -35.64
C MET A 379 24.02 9.26 -35.94
N MET B 1 0.96 -12.94 6.12
CA MET B 1 -0.44 -12.51 6.13
C MET B 1 -0.80 -11.78 7.41
N ASN B 2 -2.05 -11.34 7.49
CA ASN B 2 -2.58 -10.67 8.67
C ASN B 2 -4.10 -10.60 8.62
N ILE B 3 -4.69 -9.89 9.57
CA ILE B 3 -6.14 -9.79 9.65
C ILE B 3 -6.69 -8.86 8.56
N PHE B 4 -6.00 -7.75 8.36
CA PHE B 4 -6.42 -6.74 7.39
C PHE B 4 -6.46 -7.31 5.98
N GLU B 5 -5.46 -8.11 5.64
CA GLU B 5 -5.37 -8.72 4.32
C GLU B 5 -6.49 -9.73 4.08
N MET B 6 -6.67 -10.62 5.05
CA MET B 6 -7.69 -11.66 4.97
C MET B 6 -9.09 -11.04 4.86
N LEU B 7 -9.35 -10.02 5.69
CA LEU B 7 -10.62 -9.32 5.64
C LEU B 7 -10.82 -8.60 4.30
N ARG B 8 -9.75 -8.04 3.73
CA ARG B 8 -9.87 -7.48 2.39
C ARG B 8 -10.19 -8.57 1.36
N ILE B 9 -9.58 -9.74 1.53
CA ILE B 9 -9.82 -10.88 0.66
C ILE B 9 -11.29 -11.27 0.67
N ASP B 10 -11.86 -11.32 1.87
CA ASP B 10 -13.26 -11.73 2.02
C ASP B 10 -14.23 -10.65 1.58
N GLU B 11 -13.98 -9.40 1.98
CA GLU B 11 -14.94 -8.32 1.79
C GLU B 11 -14.76 -7.56 0.48
N GLY B 12 -13.52 -7.42 0.02
CA GLY B 12 -13.23 -6.66 -1.18
C GLY B 12 -13.39 -5.17 -0.96
N LEU B 13 -13.61 -4.42 -2.03
CA LEU B 13 -13.83 -2.98 -1.93
C LEU B 13 -14.88 -2.46 -2.91
N ARG B 14 -15.71 -1.55 -2.41
CA ARG B 14 -16.78 -0.91 -3.19
C ARG B 14 -17.05 0.47 -2.58
N LEU B 15 -17.17 1.48 -3.43
CA LEU B 15 -17.27 2.85 -2.94
C LEU B 15 -18.71 3.34 -2.71
N LYS B 16 -19.67 2.80 -3.45
CA LYS B 16 -21.07 3.12 -3.17
C LYS B 16 -21.70 2.00 -2.37
N ILE B 17 -22.90 2.23 -1.86
CA ILE B 17 -23.59 1.26 -1.00
C ILE B 17 -24.11 0.08 -1.81
N TYR B 18 -23.82 -1.14 -1.36
CA TYR B 18 -24.19 -2.34 -2.11
C TYR B 18 -24.89 -3.38 -1.25
N LYS B 19 -25.74 -4.18 -1.88
CA LYS B 19 -26.37 -5.30 -1.18
C LYS B 19 -25.34 -6.41 -1.06
N ASN B 20 -24.97 -6.75 0.17
CA ASN B 20 -23.89 -7.69 0.40
C ASN B 20 -24.23 -9.16 0.16
N THR B 21 -23.35 -10.02 0.64
CA THR B 21 -23.51 -11.46 0.52
C THR B 21 -24.73 -11.93 1.30
N GLU B 22 -24.99 -11.25 2.41
CA GLU B 22 -26.12 -11.60 3.26
C GLU B 22 -27.38 -10.91 2.73
N GLY B 23 -27.18 -10.01 1.77
CA GLY B 23 -28.28 -9.32 1.12
C GLY B 23 -28.56 -7.91 1.64
N TYR B 24 -27.97 -7.56 2.78
CA TYR B 24 -28.19 -6.25 3.37
C TYR B 24 -27.32 -5.18 2.71
N TYR B 25 -27.68 -3.91 2.91
CA TYR B 25 -26.98 -2.80 2.27
C TYR B 25 -25.69 -2.44 3.00
N THR B 26 -24.59 -2.42 2.25
CA THR B 26 -23.24 -2.34 2.83
C THR B 26 -22.35 -1.41 1.99
N ILE B 27 -21.36 -0.78 2.61
CA ILE B 27 -20.41 0.06 1.87
C ILE B 27 -18.96 -0.21 2.29
N GLY B 28 -18.02 0.29 1.49
CA GLY B 28 -16.60 0.22 1.80
C GLY B 28 -16.04 -1.19 1.88
N ILE B 29 -15.12 -1.41 2.81
CA ILE B 29 -14.57 -2.74 3.03
C ILE B 29 -15.36 -3.48 4.12
N GLY B 30 -16.50 -4.02 3.73
CA GLY B 30 -17.34 -4.81 4.62
C GLY B 30 -17.92 -4.13 5.85
N HIS B 31 -17.99 -2.80 5.85
CA HIS B 31 -18.65 -2.11 6.95
C HIS B 31 -20.16 -2.17 6.82
N LEU B 32 -20.82 -2.80 7.79
CA LEU B 32 -22.26 -2.91 7.78
C LEU B 32 -22.88 -1.64 8.36
N LEU B 33 -23.60 -0.89 7.53
CA LEU B 33 -24.24 0.35 7.96
C LEU B 33 -25.43 0.09 8.88
N THR B 34 -26.42 -0.64 8.36
CA THR B 34 -27.66 -0.87 9.09
C THR B 34 -28.20 -2.27 8.80
N LYS B 35 -29.01 -2.78 9.71
CA LYS B 35 -29.61 -4.10 9.54
C LYS B 35 -30.87 -4.07 8.69
N SER B 36 -31.55 -2.91 8.68
CA SER B 36 -32.78 -2.77 7.92
C SER B 36 -32.57 -2.92 6.41
N PRO B 37 -33.57 -3.48 5.72
CA PRO B 37 -33.60 -3.62 4.26
C PRO B 37 -34.44 -2.54 3.58
N SER B 38 -34.78 -1.50 4.35
CA SER B 38 -35.49 -0.35 3.81
C SER B 38 -34.55 0.50 2.97
N LEU B 39 -35.01 0.90 1.79
CA LEU B 39 -34.15 1.51 0.78
C LEU B 39 -33.37 2.75 1.25
N ASN B 40 -34.07 3.75 1.77
CA ASN B 40 -33.41 4.98 2.17
C ASN B 40 -32.76 4.89 3.55
N ALA B 41 -33.14 3.86 4.30
CA ALA B 41 -32.75 3.74 5.70
C ALA B 41 -31.26 3.54 5.89
N ALA B 42 -30.55 3.17 4.83
CA ALA B 42 -29.11 3.06 4.93
C ALA B 42 -28.42 4.42 4.77
N LYS B 43 -28.96 5.27 3.90
CA LYS B 43 -28.27 6.50 3.50
C LYS B 43 -27.97 7.45 4.67
N SER B 44 -28.69 7.28 5.77
CA SER B 44 -28.49 8.12 6.95
C SER B 44 -27.18 7.73 7.62
N GLU B 45 -27.03 6.43 7.88
CA GLU B 45 -25.91 5.95 8.68
C GLU B 45 -24.56 6.31 8.10
N LEU B 46 -24.42 6.15 6.79
CA LEU B 46 -23.20 6.54 6.09
C LEU B 46 -22.90 8.00 6.39
N ASP B 47 -23.90 8.85 6.18
CA ASP B 47 -23.77 10.28 6.47
C ASP B 47 -23.26 10.51 7.89
N LYS B 48 -23.75 9.69 8.82
CA LYS B 48 -23.32 9.77 10.21
C LYS B 48 -21.89 9.27 10.40
N ALA B 49 -21.54 8.18 9.72
CA ALA B 49 -20.24 7.54 9.91
C ALA B 49 -19.06 8.42 9.49
N ILE B 50 -19.17 9.02 8.31
CA ILE B 50 -18.11 9.87 7.79
C ILE B 50 -18.29 11.32 8.25
N GLY B 51 -19.51 11.82 8.13
CA GLY B 51 -19.81 13.19 8.52
C GLY B 51 -20.07 14.14 7.35
N ARG B 52 -20.31 13.59 6.16
CA ARG B 52 -20.54 14.43 4.98
C ARG B 52 -21.55 13.84 4.01
N ASN B 53 -22.24 14.71 3.27
CA ASN B 53 -23.27 14.30 2.32
C ASN B 53 -22.63 13.60 1.11
N THR B 54 -23.13 12.41 0.79
CA THR B 54 -22.47 11.56 -0.19
C THR B 54 -23.30 11.21 -1.42
N ASN B 55 -24.62 11.28 -1.28
CA ASN B 55 -25.55 10.63 -2.21
C ASN B 55 -25.24 9.14 -2.32
N GLY B 56 -24.65 8.60 -1.25
CA GLY B 56 -24.39 7.18 -1.09
C GLY B 56 -23.08 6.65 -1.62
N VAL B 57 -22.07 7.52 -1.77
CA VAL B 57 -20.77 7.10 -2.27
C VAL B 57 -19.63 7.62 -1.39
N ILE B 58 -18.54 6.89 -1.29
CA ILE B 58 -17.39 7.34 -0.49
C ILE B 58 -16.09 7.14 -1.26
N THR B 59 -15.01 7.72 -0.75
CA THR B 59 -13.70 7.57 -1.36
C THR B 59 -12.93 6.40 -0.76
N LYS B 60 -11.78 6.10 -1.35
CA LYS B 60 -10.98 4.94 -0.97
C LYS B 60 -10.40 5.08 0.44
N ASP B 61 -9.92 6.27 0.77
CA ASP B 61 -9.31 6.52 2.07
C ASP B 61 -10.34 6.50 3.20
N GLU B 62 -11.55 6.92 2.87
CA GLU B 62 -12.67 6.88 3.81
C GLU B 62 -13.09 5.43 4.08
N ALA B 63 -13.04 4.62 3.03
CA ALA B 63 -13.29 3.19 3.15
C ALA B 63 -12.20 2.52 3.97
N GLU B 64 -10.99 3.07 3.90
CA GLU B 64 -9.86 2.56 4.69
C GLU B 64 -10.01 2.90 6.16
N LYS B 65 -10.45 4.13 6.44
CA LYS B 65 -10.73 4.55 7.80
C LYS B 65 -11.84 3.69 8.40
N LEU B 66 -12.91 3.50 7.62
CA LEU B 66 -14.02 2.65 8.05
C LEU B 66 -13.58 1.21 8.25
N PHE B 67 -12.60 0.77 7.46
CA PHE B 67 -12.06 -0.58 7.61
C PHE B 67 -11.32 -0.76 8.93
N ASN B 68 -10.28 0.04 9.14
CA ASN B 68 -9.52 -0.04 10.38
C ASN B 68 -10.40 0.14 11.61
N GLN B 69 -11.37 1.06 11.49
CA GLN B 69 -12.31 1.30 12.58
C GLN B 69 -13.18 0.07 12.82
N ASP B 70 -13.59 -0.60 11.75
CA ASP B 70 -14.44 -1.77 11.88
C ASP B 70 -13.70 -2.97 12.48
N VAL B 71 -12.41 -3.12 12.14
CA VAL B 71 -11.62 -4.19 12.73
C VAL B 71 -11.32 -3.91 14.21
N ASP B 72 -11.07 -2.65 14.52
CA ASP B 72 -10.85 -2.24 15.92
C ASP B 72 -12.12 -2.47 16.74
N ALA B 73 -13.26 -2.18 16.12
CA ALA B 73 -14.55 -2.42 16.74
C ALA B 73 -14.79 -3.92 16.91
N ALA B 74 -14.28 -4.70 15.96
CA ALA B 74 -14.39 -6.16 16.04
C ALA B 74 -13.63 -6.72 17.24
N VAL B 75 -12.36 -6.33 17.39
CA VAL B 75 -11.58 -6.83 18.52
C VAL B 75 -12.11 -6.27 19.86
N ARG B 76 -12.52 -5.01 19.86
CA ARG B 76 -13.13 -4.40 21.05
C ARG B 76 -14.36 -5.20 21.44
N GLY B 77 -15.18 -5.52 20.45
CA GLY B 77 -16.39 -6.30 20.65
C GLY B 77 -16.05 -7.66 21.25
N ILE B 78 -15.00 -8.28 20.73
CA ILE B 78 -14.54 -9.56 21.24
C ILE B 78 -14.19 -9.49 22.72
N LEU B 79 -13.47 -8.45 23.11
CA LEU B 79 -13.06 -8.30 24.51
C LEU B 79 -14.18 -7.86 25.46
N ARG B 80 -15.17 -7.13 24.94
CA ARG B 80 -16.33 -6.73 25.74
C ARG B 80 -17.17 -7.90 26.23
N ASN B 81 -17.46 -8.82 25.32
CA ASN B 81 -18.37 -9.92 25.60
C ASN B 81 -17.73 -11.01 26.45
N ALA B 82 -18.47 -11.47 27.44
CA ALA B 82 -17.95 -12.38 28.46
C ALA B 82 -17.63 -13.75 27.88
N LYS B 83 -18.44 -14.19 26.92
CA LYS B 83 -18.25 -15.49 26.31
C LYS B 83 -17.04 -15.50 25.38
N LEU B 84 -16.71 -14.34 24.83
CA LEU B 84 -15.67 -14.27 23.79
C LEU B 84 -14.25 -14.08 24.31
N LYS B 85 -14.07 -13.17 25.27
CA LYS B 85 -12.72 -12.81 25.73
C LYS B 85 -11.87 -13.98 26.27
N PRO B 86 -12.43 -14.85 27.16
CA PRO B 86 -11.63 -16.01 27.57
C PRO B 86 -11.31 -17.01 26.45
N VAL B 87 -12.30 -17.31 25.61
CA VAL B 87 -12.12 -18.26 24.51
C VAL B 87 -11.12 -17.71 23.50
N TYR B 88 -11.09 -16.38 23.36
CA TYR B 88 -10.19 -15.72 22.42
C TYR B 88 -8.78 -15.72 22.99
N ASP B 89 -8.68 -15.48 24.30
CA ASP B 89 -7.40 -15.47 25.01
C ASP B 89 -6.60 -16.77 24.81
N SER B 90 -7.31 -17.86 24.58
CA SER B 90 -6.68 -19.17 24.42
C SER B 90 -6.05 -19.36 23.04
N LEU B 91 -6.51 -18.57 22.07
CA LEU B 91 -6.14 -18.81 20.67
C LEU B 91 -4.81 -18.17 20.30
N ASP B 92 -4.16 -18.72 19.28
CA ASP B 92 -2.95 -18.13 18.72
C ASP B 92 -3.35 -17.09 17.67
N ALA B 93 -2.36 -16.32 17.21
CA ALA B 93 -2.59 -15.20 16.27
C ALA B 93 -3.55 -15.52 15.13
N VAL B 94 -3.34 -16.67 14.49
CA VAL B 94 -4.14 -17.08 13.34
C VAL B 94 -5.60 -17.35 13.70
N ARG B 95 -5.83 -18.22 14.69
CA ARG B 95 -7.18 -18.56 15.13
C ARG B 95 -7.87 -17.32 15.71
N ARG B 96 -7.09 -16.51 16.43
CA ARG B 96 -7.56 -15.22 16.91
C ARG B 96 -8.11 -14.40 15.75
N ALA B 97 -7.34 -14.36 14.66
CA ALA B 97 -7.73 -13.65 13.46
C ALA B 97 -9.03 -14.19 12.85
N ALA B 98 -9.15 -15.52 12.78
CA ALA B 98 -10.37 -16.15 12.26
C ALA B 98 -11.60 -15.75 13.08
N LEU B 99 -11.44 -15.79 14.40
CA LEU B 99 -12.50 -15.36 15.30
C LEU B 99 -12.89 -13.91 15.01
N ILE B 100 -11.88 -13.04 14.93
CA ILE B 100 -12.09 -11.64 14.58
C ILE B 100 -12.85 -11.49 13.26
N ASN B 101 -12.58 -12.38 12.31
CA ASN B 101 -13.27 -12.38 11.02
C ASN B 101 -14.74 -12.66 11.23
N MET B 102 -15.03 -13.71 11.99
CA MET B 102 -16.40 -14.06 12.31
C MET B 102 -17.12 -12.87 12.94
N VAL B 103 -16.45 -12.22 13.89
CA VAL B 103 -17.01 -11.05 14.57
C VAL B 103 -17.24 -9.88 13.61
N PHE B 104 -16.36 -9.73 12.63
CA PHE B 104 -16.50 -8.70 11.61
C PHE B 104 -17.77 -8.96 10.82
N GLN B 105 -17.99 -10.22 10.46
CA GLN B 105 -19.14 -10.56 9.64
C GLN B 105 -20.45 -10.52 10.43
N MET B 106 -20.43 -11.01 11.67
CA MET B 106 -21.68 -11.28 12.38
C MET B 106 -21.88 -10.55 13.71
N GLY B 107 -20.83 -9.93 14.24
CA GLY B 107 -20.94 -9.19 15.50
C GLY B 107 -20.48 -10.02 16.69
N GLU B 108 -20.21 -9.35 17.81
CA GLU B 108 -19.75 -10.01 19.03
C GLU B 108 -20.77 -10.99 19.60
N THR B 109 -22.00 -10.52 19.76
CA THR B 109 -23.06 -11.32 20.40
C THR B 109 -23.39 -12.57 19.60
N GLY B 110 -23.52 -12.41 18.28
CA GLY B 110 -23.96 -13.49 17.42
C GLY B 110 -22.89 -14.56 17.37
N VAL B 111 -21.62 -14.15 17.31
CA VAL B 111 -20.53 -15.10 17.38
C VAL B 111 -20.57 -15.79 18.74
N ALA B 112 -20.94 -15.02 19.77
CA ALA B 112 -21.07 -15.57 21.12
C ALA B 112 -22.29 -16.48 21.21
N GLY B 113 -23.03 -16.57 20.11
CA GLY B 113 -24.16 -17.50 20.03
C GLY B 113 -23.74 -18.87 19.53
N PHE B 114 -22.49 -19.01 19.12
CA PHE B 114 -21.99 -20.26 18.56
C PHE B 114 -21.40 -21.22 19.59
N THR B 115 -22.20 -21.57 20.59
CA THR B 115 -21.72 -22.39 21.70
C THR B 115 -21.21 -23.74 21.21
N ASN B 116 -21.97 -24.36 20.31
CA ASN B 116 -21.64 -25.66 19.73
C ASN B 116 -20.19 -25.76 19.28
N SER B 117 -19.74 -24.78 18.51
CA SER B 117 -18.40 -24.80 17.96
C SER B 117 -17.38 -24.08 18.85
N LEU B 118 -17.81 -22.97 19.44
CA LEU B 118 -16.93 -22.18 20.31
C LEU B 118 -16.41 -22.98 21.49
N ARG B 119 -17.30 -23.72 22.14
CA ARG B 119 -16.91 -24.58 23.25
C ARG B 119 -15.87 -25.58 22.78
N MET B 120 -16.14 -26.17 21.62
CA MET B 120 -15.21 -27.08 20.97
C MET B 120 -13.87 -26.41 20.66
N LEU B 121 -13.86 -25.08 20.58
CA LEU B 121 -12.65 -24.35 20.21
C LEU B 121 -11.84 -23.83 21.40
N GLN B 122 -12.49 -23.57 22.52
CA GLN B 122 -11.75 -23.22 23.73
C GLN B 122 -10.90 -24.41 24.16
N GLN B 123 -11.44 -25.61 24.00
CA GLN B 123 -10.73 -26.84 24.36
C GLN B 123 -9.68 -27.23 23.31
N LYS B 124 -9.66 -26.48 22.21
CA LYS B 124 -8.65 -26.65 21.15
C LYS B 124 -8.75 -28.00 20.44
N ARG B 125 -9.98 -28.41 20.12
CA ARG B 125 -10.22 -29.65 19.38
C ARG B 125 -10.44 -29.35 17.90
N TRP B 126 -9.36 -29.04 17.19
CA TRP B 126 -9.43 -28.44 15.86
C TRP B 126 -10.24 -29.27 14.85
N ASP B 127 -10.00 -30.57 14.79
CA ASP B 127 -10.60 -31.43 13.78
C ASP B 127 -12.12 -31.46 13.85
N GLU B 128 -12.66 -31.90 14.98
CA GLU B 128 -14.11 -32.02 15.14
C GLU B 128 -14.77 -30.65 15.16
N ALA B 129 -14.03 -29.63 15.56
CA ALA B 129 -14.48 -28.24 15.45
C ALA B 129 -14.83 -27.89 14.01
N ALA B 130 -13.98 -28.30 13.07
CA ALA B 130 -14.21 -27.99 11.66
C ALA B 130 -15.39 -28.78 11.11
N VAL B 131 -15.63 -29.95 11.69
CA VAL B 131 -16.75 -30.79 11.29
C VAL B 131 -18.06 -30.19 11.78
N ASN B 132 -18.05 -29.68 13.01
CA ASN B 132 -19.24 -29.09 13.61
C ASN B 132 -19.55 -27.74 12.94
N LEU B 133 -18.51 -26.98 12.68
CA LEU B 133 -18.62 -25.69 11.99
C LEU B 133 -19.06 -25.90 10.55
N ALA B 134 -18.72 -27.07 10.00
CA ALA B 134 -19.18 -27.44 8.67
C ALA B 134 -20.71 -27.58 8.65
N LYS B 135 -21.27 -27.83 9.83
CA LYS B 135 -22.72 -27.90 10.00
C LYS B 135 -23.27 -26.67 10.73
N SER B 136 -23.29 -25.53 10.06
CA SER B 136 -23.72 -24.29 10.71
C SER B 136 -24.40 -23.34 9.72
N ARG B 137 -25.27 -22.47 10.24
CA ARG B 137 -26.01 -21.52 9.40
C ARG B 137 -25.09 -20.57 8.64
N TRP B 138 -24.00 -20.17 9.27
CA TRP B 138 -23.00 -19.30 8.67
C TRP B 138 -22.34 -20.01 7.49
N TYR B 139 -22.10 -21.30 7.67
CA TYR B 139 -21.62 -22.18 6.61
C TYR B 139 -22.58 -22.23 5.42
N ASN B 140 -23.88 -22.22 5.72
CA ASN B 140 -24.91 -22.20 4.68
C ASN B 140 -24.94 -20.90 3.91
N GLN B 141 -24.89 -19.78 4.65
CA GLN B 141 -24.94 -18.45 4.07
C GLN B 141 -23.76 -18.16 3.16
N THR B 142 -22.55 -18.28 3.70
CA THR B 142 -21.35 -17.93 2.96
C THR B 142 -20.34 -19.06 2.89
N PRO B 143 -20.67 -20.12 2.12
CA PRO B 143 -19.85 -21.34 2.00
C PRO B 143 -18.42 -21.04 1.56
N ASN B 144 -18.27 -20.08 0.64
CA ASN B 144 -16.96 -19.67 0.16
C ASN B 144 -16.06 -19.17 1.28
N ARG B 145 -16.51 -18.12 1.95
CA ARG B 145 -15.82 -17.55 3.11
C ARG B 145 -15.69 -18.55 4.26
N ALA B 146 -16.78 -19.28 4.52
CA ALA B 146 -16.85 -20.24 5.61
C ALA B 146 -15.83 -21.36 5.51
N LYS B 147 -15.68 -21.95 4.33
CA LYS B 147 -14.71 -23.02 4.16
C LYS B 147 -13.31 -22.54 4.50
N ARG B 148 -13.01 -21.31 4.10
CA ARG B 148 -11.72 -20.71 4.34
C ARG B 148 -11.48 -20.44 5.84
N VAL B 149 -12.43 -19.80 6.50
CA VAL B 149 -12.29 -19.53 7.94
C VAL B 149 -12.18 -20.82 8.75
N ILE B 150 -13.08 -21.77 8.47
CA ILE B 150 -13.08 -23.08 9.12
C ILE B 150 -11.74 -23.78 8.92
N THR B 151 -11.25 -23.76 7.68
CA THR B 151 -9.95 -24.34 7.36
C THR B 151 -8.84 -23.68 8.18
N THR B 152 -8.95 -22.37 8.33
CA THR B 152 -7.99 -21.59 9.11
C THR B 152 -8.00 -22.11 10.55
N PHE B 153 -9.20 -22.34 11.08
CA PHE B 153 -9.33 -22.93 12.41
C PHE B 153 -8.71 -24.32 12.48
N ARG B 154 -8.82 -25.09 11.39
CA ARG B 154 -8.36 -26.47 11.40
C ARG B 154 -6.84 -26.63 11.32
N THR B 155 -6.19 -25.98 10.35
CA THR B 155 -4.75 -26.16 10.17
C THR B 155 -3.91 -25.08 10.88
N GLY B 156 -4.50 -23.90 11.07
CA GLY B 156 -3.84 -22.84 11.82
C GLY B 156 -2.78 -22.08 11.04
N THR B 157 -2.89 -22.10 9.72
CA THR B 157 -1.97 -21.36 8.84
C THR B 157 -2.74 -20.69 7.71
N TRP B 158 -2.02 -19.96 6.85
CA TRP B 158 -2.67 -19.16 5.80
C TRP B 158 -2.73 -19.84 4.43
N ASP B 159 -2.92 -21.14 4.38
CA ASP B 159 -2.89 -21.83 3.09
C ASP B 159 -4.13 -21.52 2.28
N ALA B 160 -5.26 -21.38 2.98
CA ALA B 160 -6.55 -21.22 2.33
C ALA B 160 -6.67 -19.84 1.72
N TYR B 161 -6.12 -18.84 2.42
CA TYR B 161 -6.20 -17.48 1.95
C TYR B 161 -5.09 -17.15 0.96
N ALA B 162 -3.97 -17.88 1.03
CA ALA B 162 -2.97 -17.76 -0.01
C ALA B 162 -3.54 -18.30 -1.32
N ALA B 163 -4.25 -19.43 -1.22
CA ALA B 163 -4.87 -20.03 -2.40
C ALA B 163 -5.99 -19.15 -2.94
N ALA B 164 -6.82 -18.65 -2.03
CA ALA B 164 -7.89 -17.73 -2.39
C ALA B 164 -7.33 -16.45 -3.02
N ARG B 165 -6.18 -16.01 -2.53
CA ARG B 165 -5.52 -14.82 -3.07
C ARG B 165 -5.05 -15.09 -4.50
N THR B 166 -4.46 -16.26 -4.75
CA THR B 166 -4.09 -16.63 -6.12
C THR B 166 -5.30 -16.61 -7.05
N VAL B 167 -6.37 -17.25 -6.59
CA VAL B 167 -7.64 -17.25 -7.34
C VAL B 167 -8.09 -15.83 -7.67
N GLN B 168 -8.14 -14.99 -6.65
CA GLN B 168 -8.47 -13.57 -6.78
C GLN B 168 -7.61 -12.87 -7.82
N ARG B 169 -6.32 -13.18 -7.81
CA ARG B 169 -5.37 -12.63 -8.79
C ARG B 169 -5.83 -12.98 -10.20
N ARG B 170 -6.16 -14.26 -10.42
CA ARG B 170 -6.63 -14.65 -11.75
C ARG B 170 -7.92 -13.91 -12.11
N LEU B 171 -8.84 -13.80 -11.14
CA LEU B 171 -10.10 -13.11 -11.37
C LEU B 171 -9.84 -11.69 -11.86
N LEU B 172 -8.95 -10.99 -11.16
CA LEU B 172 -8.57 -9.65 -11.54
C LEU B 172 -8.01 -9.62 -12.96
N ALA B 173 -7.22 -10.63 -13.32
CA ALA B 173 -6.66 -10.69 -14.67
C ALA B 173 -7.74 -10.84 -15.75
N PHE B 174 -8.64 -11.78 -15.55
CA PHE B 174 -9.74 -12.02 -16.48
C PHE B 174 -10.63 -10.78 -16.63
N ALA B 175 -10.97 -10.16 -15.51
CA ALA B 175 -11.76 -8.94 -15.52
C ALA B 175 -11.04 -7.84 -16.28
N LEU B 176 -9.74 -7.75 -16.06
CA LEU B 176 -8.91 -6.74 -16.71
C LEU B 176 -8.85 -6.91 -18.22
N ARG B 177 -8.82 -8.15 -18.71
CA ARG B 177 -8.84 -8.35 -20.16
C ARG B 177 -10.08 -7.72 -20.77
N LYS B 178 -11.22 -7.94 -20.11
CA LYS B 178 -12.49 -7.40 -20.58
C LYS B 178 -12.56 -5.88 -20.47
N LEU B 179 -12.04 -5.32 -19.38
CA LEU B 179 -12.12 -3.87 -19.18
C LEU B 179 -11.17 -3.11 -20.12
N ILE B 180 -9.90 -3.49 -20.10
CA ILE B 180 -8.90 -2.88 -20.96
C ILE B 180 -9.29 -3.10 -22.41
N GLY B 181 -9.84 -4.30 -22.68
CA GLY B 181 -10.42 -4.61 -23.96
C GLY B 181 -11.51 -3.64 -24.35
N SER B 182 -12.35 -3.29 -23.38
CA SER B 182 -13.50 -2.40 -23.60
C SER B 182 -13.10 -0.96 -23.89
N ILE B 183 -12.07 -0.46 -23.20
CA ILE B 183 -11.61 0.91 -23.44
C ILE B 183 -11.09 1.07 -24.87
N LEU B 184 -10.45 0.03 -25.39
CA LEU B 184 -9.78 0.09 -26.68
C LEU B 184 -10.54 -0.66 -27.76
N LEU B 185 -10.19 -0.41 -29.03
CA LEU B 185 -10.73 -1.20 -30.13
C LEU B 185 -9.87 -2.43 -30.39
N GLU B 186 -8.70 -2.47 -29.75
CA GLU B 186 -7.75 -3.54 -29.97
C GLU B 186 -8.16 -4.83 -29.27
N ASN B 187 -7.78 -5.96 -29.87
CA ASN B 187 -8.02 -7.26 -29.29
C ASN B 187 -6.94 -7.57 -28.26
N VAL B 188 -7.29 -7.51 -26.99
CA VAL B 188 -6.31 -7.69 -25.92
C VAL B 188 -6.23 -9.16 -25.52
N GLN B 189 -5.14 -9.81 -25.93
CA GLN B 189 -4.93 -11.21 -25.63
C GLN B 189 -4.70 -11.43 -24.14
N PRO B 190 -5.00 -12.65 -23.64
CA PRO B 190 -4.72 -13.04 -22.26
C PRO B 190 -3.23 -12.95 -21.93
N GLU B 191 -2.40 -13.01 -22.98
CA GLU B 191 -0.95 -12.99 -22.82
C GLU B 191 -0.44 -11.61 -22.40
N ASP B 192 -1.12 -10.57 -22.87
CA ASP B 192 -0.74 -9.21 -22.55
C ASP B 192 -1.01 -8.94 -21.08
N ILE B 193 -2.16 -9.42 -20.61
CA ILE B 193 -2.51 -9.32 -19.20
C ILE B 193 -1.56 -10.19 -18.40
N ASP B 194 -1.17 -11.32 -18.98
CA ASP B 194 -0.16 -12.19 -18.38
C ASP B 194 1.12 -11.40 -18.15
N ILE B 195 1.45 -10.52 -19.09
CA ILE B 195 2.57 -9.59 -18.90
C ILE B 195 2.27 -8.63 -17.76
N LEU B 196 1.04 -8.12 -17.72
CA LEU B 196 0.63 -7.18 -16.67
C LEU B 196 0.71 -7.77 -15.25
N PHE B 197 0.60 -9.09 -15.13
CA PHE B 197 0.66 -9.73 -13.82
C PHE B 197 2.03 -10.34 -13.50
N SER B 198 2.70 -10.87 -14.52
CA SER B 198 4.04 -11.43 -14.35
C SER B 198 4.99 -10.29 -13.98
N LYS B 199 5.12 -9.33 -14.88
CA LYS B 199 5.79 -8.08 -14.56
C LYS B 199 4.73 -7.08 -14.11
N GLY B 200 5.11 -6.12 -13.28
CA GLY B 200 4.15 -5.14 -12.78
C GLY B 200 3.58 -4.26 -13.87
N VAL B 201 4.33 -4.13 -14.97
CA VAL B 201 4.01 -3.16 -16.02
C VAL B 201 3.46 -3.82 -17.29
N LEU B 202 2.58 -3.10 -18.00
CA LEU B 202 2.20 -3.45 -19.36
C LEU B 202 2.04 -2.20 -20.21
N MET B 203 2.80 -2.11 -21.30
CA MET B 203 2.71 -0.96 -22.18
C MET B 203 2.26 -1.38 -23.58
N LEU B 204 1.14 -0.83 -24.01
CA LEU B 204 0.64 -1.05 -25.36
C LEU B 204 0.74 0.28 -26.08
N SER B 205 1.05 0.27 -27.38
CA SER B 205 1.28 1.53 -28.06
C SER B 205 0.53 1.62 -29.38
N ASN B 206 0.29 2.86 -29.83
CA ASN B 206 -0.47 3.15 -31.04
C ASN B 206 -1.83 2.44 -31.06
N LEU B 207 -2.67 2.80 -30.10
CA LEU B 207 -3.98 2.18 -29.94
C LEU B 207 -5.08 3.04 -30.55
N GLN B 208 -6.33 2.65 -30.29
CA GLN B 208 -7.48 3.44 -30.68
C GLN B 208 -8.62 3.24 -29.69
N LEU B 209 -9.16 4.34 -29.18
CA LEU B 209 -10.24 4.30 -28.22
C LEU B 209 -11.53 3.78 -28.85
N ASN B 210 -12.35 3.13 -28.05
CA ASN B 210 -13.67 2.71 -28.50
C ASN B 210 -14.65 3.84 -28.21
N CYS B 211 -14.94 4.64 -29.23
CA CYS B 211 -15.77 5.83 -29.06
C CYS B 211 -17.21 5.51 -28.65
N SER B 212 -17.71 4.34 -29.02
CA SER B 212 -19.07 3.94 -28.65
C SER B 212 -19.20 3.73 -27.15
N PHE B 213 -18.22 3.03 -26.58
CA PHE B 213 -18.13 2.80 -25.14
C PHE B 213 -18.15 4.13 -24.39
N LEU B 214 -17.25 5.03 -24.79
CA LEU B 214 -17.08 6.32 -24.12
C LEU B 214 -18.34 7.18 -24.25
N ASN B 215 -18.82 7.33 -25.48
CA ASN B 215 -20.06 8.05 -25.76
C ASN B 215 -21.25 7.54 -24.94
N ALA B 216 -21.32 6.22 -24.78
CA ALA B 216 -22.41 5.59 -24.03
C ALA B 216 -22.28 5.86 -22.54
N VAL B 217 -21.04 5.87 -22.04
CA VAL B 217 -20.78 6.04 -20.62
C VAL B 217 -20.94 7.49 -20.16
N VAL B 218 -20.41 8.43 -20.92
CA VAL B 218 -20.39 9.85 -20.55
C VAL B 218 -21.76 10.40 -20.12
N SER B 219 -22.78 10.20 -20.95
CA SER B 219 -24.15 10.61 -20.61
C SER B 219 -24.24 12.10 -20.25
N MET B 222 -24.98 15.43 -26.24
CA MET B 222 -24.33 16.73 -26.34
C MET B 222 -23.01 16.63 -27.09
N ILE B 223 -21.99 16.18 -26.37
CA ILE B 223 -20.66 15.99 -26.94
C ILE B 223 -20.46 14.53 -27.30
N ASN B 224 -20.35 14.25 -28.60
CA ASN B 224 -20.20 12.89 -29.09
C ASN B 224 -18.82 12.73 -29.71
N PHE B 225 -18.07 11.75 -29.23
CA PHE B 225 -16.71 11.51 -29.73
C PHE B 225 -16.71 10.92 -31.13
N THR B 226 -15.94 11.53 -32.02
CA THR B 226 -15.75 11.07 -33.39
C THR B 226 -14.66 10.00 -33.47
N LYS B 227 -13.49 10.31 -32.91
CA LYS B 227 -12.33 9.43 -32.97
C LYS B 227 -11.47 9.61 -31.72
N GLY B 228 -10.73 8.57 -31.32
CA GLY B 228 -9.82 8.67 -30.20
C GLY B 228 -8.55 7.90 -30.48
N THR B 229 -7.41 8.58 -30.48
CA THR B 229 -6.15 7.90 -30.76
C THR B 229 -5.19 7.98 -29.57
N LEU B 230 -4.56 6.85 -29.24
CA LEU B 230 -3.60 6.81 -28.15
C LEU B 230 -2.22 6.40 -28.63
N ARG B 231 -1.25 7.30 -28.49
CA ARG B 231 0.11 6.97 -28.84
C ARG B 231 0.60 5.82 -27.97
N ARG B 232 0.36 5.96 -26.67
CA ARG B 232 0.88 4.99 -25.70
C ARG B 232 -0.02 4.87 -24.49
N LEU B 233 -0.15 3.64 -24.01
CA LEU B 233 -0.98 3.30 -22.85
C LEU B 233 -0.18 2.42 -21.90
N ILE B 234 -0.16 2.81 -20.64
CA ILE B 234 0.66 2.16 -19.63
C ILE B 234 -0.16 1.74 -18.41
N LEU B 235 -0.11 0.46 -18.07
CA LEU B 235 -0.80 -0.04 -16.88
C LEU B 235 0.19 -0.65 -15.90
N ARG B 236 -0.10 -0.52 -14.60
CA ARG B 236 0.76 -1.14 -13.58
C ARG B 236 -0.07 -1.61 -12.40
N LEU B 237 0.31 -2.77 -11.87
CA LEU B 237 -0.42 -3.42 -10.78
C LEU B 237 0.44 -3.58 -9.53
N ASN B 238 -0.18 -3.35 -8.38
CA ASN B 238 0.48 -3.52 -7.09
C ASN B 238 0.76 -4.99 -6.81
N VAL B 239 1.75 -5.56 -7.48
CA VAL B 239 1.97 -7.01 -7.45
C VAL B 239 2.58 -7.48 -6.13
N THR B 240 3.42 -6.65 -5.52
CA THR B 240 4.00 -6.97 -4.22
C THR B 240 2.93 -7.08 -3.15
N ASP B 241 1.86 -6.31 -3.31
CA ASP B 241 0.73 -6.32 -2.38
C ASP B 241 -0.59 -6.33 -3.17
N ILE B 242 -0.86 -7.45 -3.85
CA ILE B 242 -1.98 -7.52 -4.79
C ILE B 242 -3.36 -7.38 -4.13
N VAL B 243 -3.47 -7.73 -2.85
CA VAL B 243 -4.76 -7.67 -2.17
C VAL B 243 -5.11 -6.22 -1.84
N ASN B 244 -4.11 -5.46 -1.39
CA ASN B 244 -4.27 -4.03 -1.20
C ASN B 244 -3.94 -3.35 -2.52
N LEU B 245 -4.85 -3.50 -3.47
CA LEU B 245 -4.57 -3.19 -4.87
C LEU B 245 -4.37 -1.70 -5.09
N ASN B 246 -3.30 -1.36 -5.81
CA ASN B 246 -3.05 -0.01 -6.25
C ASN B 246 -2.77 -0.06 -7.75
N VAL B 247 -3.64 0.56 -8.54
CA VAL B 247 -3.55 0.46 -9.99
C VAL B 247 -3.04 1.78 -10.56
N GLU B 248 -2.10 1.70 -11.49
CA GLU B 248 -1.55 2.89 -12.09
C GLU B 248 -1.85 2.90 -13.58
N LEU B 249 -2.77 3.77 -14.00
CA LEU B 249 -3.12 3.90 -15.42
C LEU B 249 -2.55 5.20 -15.96
N GLU B 250 -1.98 5.14 -17.16
CA GLU B 250 -1.36 6.32 -17.76
C GLU B 250 -1.55 6.36 -19.27
N VAL B 251 -1.99 7.51 -19.78
CA VAL B 251 -2.26 7.68 -21.20
C VAL B 251 -1.41 8.82 -21.78
N ASN B 252 -0.61 8.47 -22.78
CA ASN B 252 0.27 9.44 -23.40
C ASN B 252 -0.05 9.60 -24.89
N GLY B 253 -0.20 10.85 -25.32
CA GLY B 253 -0.48 11.14 -26.71
C GLY B 253 -1.93 10.96 -27.14
N LEU B 254 -2.85 11.38 -26.28
CA LEU B 254 -4.26 11.35 -26.62
C LEU B 254 -4.59 12.30 -27.77
N SER B 255 -5.50 11.87 -28.64
CA SER B 255 -6.05 12.71 -29.68
C SER B 255 -7.51 12.37 -29.78
N LEU B 256 -8.31 13.06 -28.97
CA LEU B 256 -9.76 12.91 -28.94
C LEU B 256 -10.41 13.94 -29.86
N GLU B 257 -11.41 13.51 -30.62
CA GLU B 257 -12.17 14.42 -31.46
C GLU B 257 -13.66 14.39 -31.11
N ILE B 258 -14.22 15.57 -30.86
CA ILE B 258 -15.56 15.71 -30.30
C ILE B 258 -16.45 16.55 -31.21
N GLU B 259 -17.72 16.15 -31.30
CA GLU B 259 -18.71 16.86 -32.10
C GLU B 259 -19.83 17.34 -31.19
N LEU B 260 -20.20 18.61 -31.33
CA LEU B 260 -21.25 19.19 -30.50
C LEU B 260 -22.50 19.49 -31.32
N ILE B 281 -18.67 9.71 -12.74
CA ILE B 281 -18.34 9.31 -14.11
C ILE B 281 -17.86 7.86 -14.15
N LEU B 282 -16.95 7.50 -13.26
CA LEU B 282 -16.42 6.15 -13.18
C LEU B 282 -17.49 5.14 -12.80
N ASP B 283 -18.38 5.55 -11.91
CA ASP B 283 -19.46 4.68 -11.45
C ASP B 283 -20.28 4.23 -12.66
N ASN B 284 -20.46 5.16 -13.59
CA ASN B 284 -21.20 4.88 -14.82
C ASN B 284 -20.46 3.87 -15.68
N VAL B 285 -19.13 3.94 -15.65
CA VAL B 285 -18.31 2.96 -16.37
C VAL B 285 -18.55 1.56 -15.81
N VAL B 286 -18.41 1.44 -14.48
CA VAL B 286 -18.60 0.15 -13.83
C VAL B 286 -19.99 -0.43 -14.07
N GLU B 287 -21.00 0.44 -13.91
CA GLU B 287 -22.40 0.06 -14.13
C GLU B 287 -22.61 -0.43 -15.55
N TYR B 288 -22.16 0.36 -16.51
CA TYR B 288 -22.32 0.06 -17.93
C TYR B 288 -21.68 -1.28 -18.29
N MET B 289 -20.41 -1.42 -17.93
CA MET B 289 -19.62 -2.58 -18.34
C MET B 289 -20.07 -3.88 -17.69
N ASN B 290 -20.34 -3.83 -16.39
CA ASN B 290 -20.80 -5.00 -15.63
C ASN B 290 -21.91 -5.77 -16.32
N LYS B 291 -22.91 -5.04 -16.81
CA LYS B 291 -24.04 -5.62 -17.52
C LYS B 291 -23.60 -6.33 -18.79
N THR B 292 -23.08 -5.54 -19.74
CA THR B 292 -22.78 -6.01 -21.08
C THR B 292 -21.79 -7.18 -21.07
N ALA B 293 -20.90 -7.21 -20.08
CA ALA B 293 -19.81 -8.18 -20.08
C ALA B 293 -20.01 -9.34 -19.11
N SER B 294 -20.94 -9.22 -18.16
CA SER B 294 -21.16 -10.25 -17.14
C SER B 294 -21.33 -11.67 -17.69
N GLN B 295 -21.98 -11.79 -18.85
CA GLN B 295 -22.24 -13.11 -19.44
C GLN B 295 -20.95 -13.77 -19.93
N ASP B 296 -20.18 -13.02 -20.72
CA ASP B 296 -18.94 -13.54 -21.27
C ASP B 296 -17.97 -13.81 -20.12
N PHE B 297 -18.01 -12.93 -19.13
CA PHE B 297 -17.21 -13.10 -17.91
C PHE B 297 -17.58 -14.41 -17.22
N GLU B 298 -18.87 -14.71 -17.20
CA GLU B 298 -19.35 -15.97 -16.64
C GLU B 298 -18.80 -17.15 -17.43
N ASP B 299 -18.84 -17.05 -18.77
CA ASP B 299 -18.30 -18.10 -19.63
C ASP B 299 -16.81 -18.35 -19.40
N GLU B 300 -16.06 -17.27 -19.18
CA GLU B 300 -14.61 -17.37 -18.99
C GLU B 300 -14.27 -17.90 -17.62
N VAL B 301 -14.95 -17.38 -16.59
CA VAL B 301 -14.73 -17.83 -15.22
C VAL B 301 -15.13 -19.29 -15.07
N ILE B 302 -16.16 -19.69 -15.82
CA ILE B 302 -16.56 -21.09 -15.91
C ILE B 302 -15.48 -21.90 -16.59
N ASN B 303 -14.93 -21.38 -17.68
CA ASN B 303 -13.80 -22.01 -18.36
C ASN B 303 -12.68 -22.29 -17.38
N GLU B 304 -12.40 -21.32 -16.51
CA GLU B 304 -11.37 -21.48 -15.49
C GLU B 304 -11.79 -22.54 -14.46
N GLY B 305 -13.09 -22.67 -14.24
CA GLY B 305 -13.63 -23.74 -13.41
C GLY B 305 -13.76 -23.39 -11.94
N LEU B 306 -13.69 -22.11 -11.62
CA LEU B 306 -13.73 -21.66 -10.23
C LEU B 306 -15.15 -21.33 -9.79
N GLU B 307 -15.66 -22.08 -8.80
CA GLU B 307 -17.01 -21.87 -8.31
C GLU B 307 -17.03 -21.71 -6.79
N ASN B 316 -23.08 -10.99 -10.31
CA ASN B 316 -22.35 -9.75 -10.52
C ASN B 316 -21.03 -9.75 -9.75
N LEU B 317 -20.08 -10.54 -10.23
CA LEU B 317 -18.76 -10.63 -9.60
C LEU B 317 -17.81 -9.61 -10.21
N LEU B 318 -17.84 -9.52 -11.54
CA LEU B 318 -17.01 -8.58 -12.26
C LEU B 318 -17.36 -7.16 -11.85
N ASP B 319 -18.56 -6.96 -11.34
CA ASP B 319 -19.01 -5.64 -10.90
C ASP B 319 -18.24 -5.23 -9.65
N SER B 320 -18.09 -6.20 -8.74
CA SER B 320 -17.36 -5.97 -7.51
C SER B 320 -15.87 -5.79 -7.82
N ILE B 321 -15.31 -6.74 -8.56
CA ILE B 321 -13.92 -6.66 -9.00
C ILE B 321 -13.60 -5.31 -9.63
N LEU B 322 -14.45 -4.89 -10.57
CA LEU B 322 -14.27 -3.62 -11.27
C LEU B 322 -14.40 -2.45 -10.32
N GLN B 323 -15.32 -2.55 -9.37
CA GLN B 323 -15.50 -1.45 -8.42
C GLN B 323 -14.25 -1.27 -7.58
N LYS B 324 -13.69 -2.39 -7.09
CA LYS B 324 -12.45 -2.33 -6.31
C LYS B 324 -11.28 -1.80 -7.13
N CYS B 325 -11.14 -2.35 -8.33
CA CYS B 325 -10.07 -1.99 -9.24
C CYS B 325 -10.10 -0.50 -9.56
N LEU B 326 -11.19 -0.06 -10.16
CA LEU B 326 -11.36 1.33 -10.55
C LEU B 326 -11.35 2.27 -9.36
N ALA B 327 -11.71 1.77 -8.18
CA ALA B 327 -11.59 2.58 -6.97
C ALA B 327 -10.11 2.73 -6.63
N SER B 328 -9.34 1.70 -6.96
CA SER B 328 -7.91 1.68 -6.65
C SER B 328 -7.07 2.38 -7.72
N THR B 329 -7.63 2.58 -8.90
CA THR B 329 -6.84 3.12 -10.01
C THR B 329 -6.61 4.63 -9.91
N SER B 330 -5.37 5.03 -10.17
CA SER B 330 -5.01 6.42 -10.33
C SER B 330 -4.70 6.69 -11.80
N VAL B 331 -5.23 7.78 -12.33
CA VAL B 331 -5.11 8.00 -13.77
C VAL B 331 -4.15 9.15 -14.05
N LEU B 332 -3.32 8.98 -15.07
CA LEU B 332 -2.46 10.06 -15.55
C LEU B 332 -2.64 10.24 -17.04
N MET B 333 -2.39 11.44 -17.51
CA MET B 333 -2.44 11.76 -18.92
C MET B 333 -1.35 12.77 -19.20
N GLN B 334 -0.68 12.63 -20.34
CA GLN B 334 0.33 13.62 -20.70
C GLN B 334 0.19 14.09 -22.15
N ASP B 335 0.31 15.40 -22.34
CA ASP B 335 0.27 16.00 -23.67
C ASP B 335 -0.89 15.51 -24.56
N ALA B 336 -2.12 15.81 -24.14
CA ALA B 336 -3.29 15.44 -24.94
C ALA B 336 -3.66 16.51 -25.95
N LEU B 337 -4.46 16.09 -26.90
CA LEU B 337 -5.03 16.97 -27.90
C LEU B 337 -6.49 16.63 -28.07
N VAL B 338 -7.35 17.59 -27.77
CA VAL B 338 -8.79 17.38 -27.91
C VAL B 338 -9.27 18.40 -28.91
N TYR B 339 -10.13 17.98 -29.83
CA TYR B 339 -10.68 18.91 -30.81
C TYR B 339 -12.18 18.99 -30.66
N ILE B 340 -12.75 20.16 -30.93
CA ILE B 340 -14.20 20.31 -30.84
C ILE B 340 -14.76 20.94 -32.11
N GLY B 341 -15.99 20.60 -32.46
CA GLY B 341 -16.61 21.08 -33.68
C GLY B 341 -18.08 20.70 -33.79
N THR B 347 -15.24 26.44 -38.00
CA THR B 347 -15.41 26.86 -36.62
C THR B 347 -15.16 25.71 -35.64
N ARG B 348 -13.91 25.28 -35.54
CA ARG B 348 -13.54 24.18 -34.65
C ARG B 348 -12.49 24.61 -33.63
N LEU B 349 -12.70 24.23 -32.37
CA LEU B 349 -11.78 24.60 -31.30
C LEU B 349 -10.68 23.56 -31.10
N GLU B 350 -9.51 24.01 -30.65
CA GLU B 350 -8.38 23.12 -30.43
C GLU B 350 -7.83 23.24 -29.02
N ALA B 351 -7.83 22.14 -28.29
CA ALA B 351 -7.32 22.10 -26.93
C ALA B 351 -6.04 21.27 -26.81
N LYS B 352 -4.99 21.88 -26.27
CA LYS B 352 -3.75 21.18 -26.02
C LYS B 352 -3.52 21.12 -24.51
N LEU B 353 -3.39 19.91 -23.97
CA LEU B 353 -3.27 19.76 -22.52
C LEU B 353 -1.90 19.20 -22.14
N ASP B 354 -1.05 20.07 -21.61
CA ASP B 354 0.34 19.73 -21.31
C ASP B 354 0.46 18.54 -20.36
N PHE B 355 -0.39 18.52 -19.33
CA PHE B 355 -0.33 17.48 -18.32
C PHE B 355 -1.62 17.41 -17.51
N MET B 356 -2.10 16.19 -17.28
CA MET B 356 -3.31 16.02 -16.48
C MET B 356 -3.14 14.84 -15.53
N SER B 357 -3.71 14.95 -14.34
CA SER B 357 -3.65 13.85 -13.39
C SER B 357 -4.95 13.73 -12.61
N PHE B 358 -5.27 12.51 -12.24
CA PHE B 358 -6.47 12.20 -11.47
C PHE B 358 -6.06 11.24 -10.36
N SER B 359 -5.81 11.79 -9.17
CA SER B 359 -5.28 10.98 -8.07
C SER B 359 -5.92 11.34 -6.75
N SER B 360 -5.65 10.55 -5.72
CA SER B 360 -6.28 10.75 -4.42
C SER B 360 -5.47 11.71 -3.55
N THR B 366 -14.88 15.44 -0.70
CA THR B 366 -13.59 15.54 -1.37
C THR B 366 -13.21 14.21 -2.04
N SER B 367 -13.58 14.08 -3.30
CA SER B 367 -13.32 12.86 -4.07
C SER B 367 -11.88 12.80 -4.53
N ARG B 368 -11.59 11.93 -5.48
CA ARG B 368 -10.30 11.96 -6.15
C ARG B 368 -10.19 13.29 -6.89
N LEU B 369 -9.01 13.89 -6.87
CA LEU B 369 -8.78 15.20 -7.47
C LEU B 369 -8.28 15.12 -8.90
N LEU B 370 -8.89 15.96 -9.75
CA LEU B 370 -8.48 16.14 -11.13
C LEU B 370 -7.68 17.42 -11.24
N ASN B 371 -6.37 17.29 -11.25
CA ASN B 371 -5.49 18.43 -11.41
C ASN B 371 -5.06 18.54 -12.86
N ILE B 372 -5.31 19.70 -13.47
CA ILE B 372 -4.98 19.89 -14.88
C ILE B 372 -4.00 21.06 -15.02
N ASN B 373 -2.97 20.87 -15.84
CA ASN B 373 -1.92 21.87 -15.99
C ASN B 373 -1.45 22.05 -17.44
N GLY B 374 -1.41 23.29 -17.90
CA GLY B 374 -0.80 23.61 -19.17
C GLY B 374 -1.78 23.64 -20.33
N ILE B 375 -3.04 23.94 -20.02
CA ILE B 375 -4.07 24.02 -21.05
C ILE B 375 -3.85 25.23 -21.97
N THR B 376 -3.84 24.98 -23.27
CA THR B 376 -3.91 26.07 -24.24
C THR B 376 -5.03 25.78 -25.22
N VAL B 377 -5.98 26.71 -25.31
CA VAL B 377 -7.15 26.54 -26.16
C VAL B 377 -7.21 27.61 -27.23
N SER B 378 -7.55 27.21 -28.46
CA SER B 378 -7.65 28.16 -29.57
C SER B 378 -8.82 27.79 -30.47
N MET B 379 -8.92 28.47 -31.61
CA MET B 379 -10.06 28.30 -32.50
C MET B 379 -9.64 27.81 -33.87
#